data_4HT3
#
_entry.id   4HT3
#
_cell.length_a   181.850
_cell.length_b   59.140
_cell.length_c   67.300
_cell.angle_alpha   90.00
_cell.angle_beta   94.74
_cell.angle_gamma   90.00
#
_symmetry.space_group_name_H-M   'C 1 2 1'
#
loop_
_entity.id
_entity.type
_entity.pdbx_description
1 polymer 'Tryptophan synthase alpha chain'
2 polymer 'Tryptophan synthase beta chain'
3 non-polymer '2-({[4-(TRIFLUOROMETHOXY)PHENYL]SULFONYL}AMINO)ETHYL DIHYDROGEN PHOSPHATE'
4 non-polymer BICINE
5 non-polymer 'CHLORIDE ION'
6 non-polymer 'CESIUM ION'
7 non-polymer 'TRIETHYLENE GLYCOL'
8 non-polymer 1-METHOXY-2-[2-(2-METHOXY-ETHOXY]-ETHANE
9 non-polymer 1,2-ETHANEDIOL
10 non-polymer "PYRIDOXAL-5'-PHOSPHATE"
11 non-polymer DI(HYDROXYETHYL)ETHER
12 water water
#
loop_
_entity_poly.entity_id
_entity_poly.type
_entity_poly.pdbx_seq_one_letter_code
_entity_poly.pdbx_strand_id
1 'polypeptide(L)'
;MERYENLFAQLNDRREGAFVPFVTLGDPGIEQSLKIIDTLIDAGADALELGVPFSDPLADGPTIQNANLRAFAAGVTPAQ
CFEMLALIREKHPTIPIGLLMYANLVFNNGIDAFYARCEQVGVDSVLVADVPVEESAPFRQAALRHNIAPIFICPPNADD
DLLRQVASYGRGYTYLLSRSGVTGAENRGALPLHHLIEKLKEYHAAPALQGFGISSPEQVSAAVRAGAAGAISGSAIVKI
IEKNLASPKQMLAELRSFVSAMKAASRA
;
A
2 'polypeptide(L)'
;MTTLLNPYFGEFGGMYVPQILMPALNQLEEAFVSAQKDPEFQAQFADLLKNYAGRPTALTKCQNITAGTRTTLYLKREDL
LHGGAHKTNQVLGQALLAKRMGKSEIIAETGAGQHGVASALASALLGLKCRIYMGAKDVERQSPNVFRMRLMGAEVIPVH
SGSATLKDACNEALRDWSGSYETAHYMLGTAAGPHPYPTIVREFQRMIGEETKAQILDKEGRLPDAVIACVGGGSNAIGM
FADFINDTSVGLIGVEPGGHGIETGEHGAPLKHGRVGIYFGMKAPMMQTADGQIEESYSISAGLDFPSVGPQHAYLNSIG
RADYVSITDDEALEAFKTLCRHEGIIPALESSHALAHALKMMREQPEKEQLLVVNLSGRGDKDIFTVHDILKARGEI
;
B
#
loop_
_chem_comp.id
_chem_comp.type
_chem_comp.name
_chem_comp.formula
BCN non-polymer BICINE 'C6 H13 N O4'
CL non-polymer 'CHLORIDE ION' 'Cl -1'
CS non-polymer 'CESIUM ION' 'Cs 1'
EDO non-polymer 1,2-ETHANEDIOL 'C2 H6 O2'
F9F non-polymer '2-({[4-(TRIFLUOROMETHOXY)PHENYL]SULFONYL}AMINO)ETHYL DIHYDROGEN PHOSPHATE' 'C9 H11 F3 N O7 P S'
PEG non-polymer DI(HYDROXYETHYL)ETHER 'C4 H10 O3'
PG5 non-polymer 1-METHOXY-2-[2-(2-METHOXY-ETHOXY]-ETHANE 'C8 H18 O4'
PGE non-polymer 'TRIETHYLENE GLYCOL' 'C6 H14 O4'
PLP non-polymer PYRIDOXAL-5'-PHOSPHATE 'C8 H10 N O6 P'
#
# COMPACT_ATOMS: atom_id res chain seq x y z
N MET A 1 -13.40 -32.29 5.50
CA MET A 1 -14.79 -31.73 5.50
C MET A 1 -15.07 -31.03 4.18
N GLU A 2 -16.33 -31.07 3.74
CA GLU A 2 -16.85 -30.01 2.89
C GLU A 2 -18.22 -29.46 3.18
N ARG A 3 -18.08 -28.57 4.13
CA ARG A 3 -19.21 -27.93 4.73
C ARG A 3 -19.98 -27.06 3.75
N TYR A 4 -19.30 -26.37 2.81
CA TYR A 4 -20.06 -25.57 1.86
C TYR A 4 -20.83 -26.48 0.91
N GLU A 5 -20.23 -27.59 0.50
CA GLU A 5 -20.89 -28.45 -0.49
C GLU A 5 -22.13 -29.03 0.16
N ASN A 6 -22.03 -29.46 1.43
CA ASN A 6 -23.20 -29.98 2.13
C ASN A 6 -24.28 -28.91 2.30
N LEU A 7 -23.89 -27.70 2.68
CA LEU A 7 -24.83 -26.60 2.84
C LEU A 7 -25.59 -26.33 1.54
N PHE A 8 -24.85 -26.15 0.45
CA PHE A 8 -25.47 -25.81 -0.82
C PHE A 8 -26.38 -26.93 -1.33
N ALA A 9 -26.00 -28.18 -1.09
CA ALA A 9 -26.89 -29.29 -1.45
C ALA A 9 -28.19 -29.24 -0.65
N GLN A 10 -28.08 -28.98 0.65
CA GLN A 10 -29.28 -28.88 1.49
C GLN A 10 -30.17 -27.70 1.09
N LEU A 11 -29.56 -26.55 0.84
CA LEU A 11 -30.32 -25.38 0.41
C LEU A 11 -30.99 -25.61 -0.93
N ASN A 12 -30.29 -26.25 -1.87
CA ASN A 12 -30.85 -26.59 -3.18
CA ASN A 12 -30.87 -26.59 -3.17
C ASN A 12 -32.08 -27.49 -3.03
N ASP A 13 -31.98 -28.49 -2.15
CA ASP A 13 -33.11 -29.40 -1.87
C ASP A 13 -34.35 -28.61 -1.47
N ARG A 14 -34.13 -27.44 -0.88
CA ARG A 14 -35.23 -26.59 -0.40
C ARG A 14 -35.50 -25.37 -1.30
N ARG A 15 -34.82 -25.30 -2.44
CA ARG A 15 -34.98 -24.18 -3.38
C ARG A 15 -34.75 -22.87 -2.64
N GLU A 16 -33.69 -22.86 -1.82
CA GLU A 16 -33.43 -21.80 -0.86
C GLU A 16 -32.06 -21.18 -1.11
N GLY A 17 -31.93 -19.88 -0.84
CA GLY A 17 -30.61 -19.24 -0.90
C GLY A 17 -29.95 -19.18 0.44
N ALA A 18 -28.66 -18.94 0.42
CA ALA A 18 -27.88 -18.76 1.65
C ALA A 18 -27.89 -17.31 2.06
N PHE A 19 -28.02 -17.06 3.36
CA PHE A 19 -27.74 -15.73 3.89
C PHE A 19 -26.51 -15.80 4.80
N VAL A 20 -25.50 -14.99 4.50
CA VAL A 20 -24.18 -15.12 5.16
C VAL A 20 -23.75 -13.74 5.72
N PRO A 21 -23.88 -13.54 7.04
CA PRO A 21 -23.37 -12.30 7.62
C PRO A 21 -21.85 -12.30 7.74
N PHE A 22 -21.30 -11.09 7.67
CA PHE A 22 -19.94 -10.82 8.07
C PHE A 22 -19.91 -10.02 9.37
N VAL A 23 -18.99 -10.38 10.27
CA VAL A 23 -18.58 -9.52 11.40
C VAL A 23 -17.07 -9.62 11.57
N THR A 24 -16.50 -8.65 12.26
CA THR A 24 -15.12 -8.68 12.71
C THR A 24 -14.98 -9.45 14.01
N LEU A 25 -14.13 -10.46 14.04
CA LEU A 25 -13.88 -11.20 15.29
C LEU A 25 -13.38 -10.28 16.38
N GLY A 26 -14.01 -10.36 17.54
CA GLY A 26 -13.57 -9.58 18.69
C GLY A 26 -14.08 -8.15 18.73
N ASP A 27 -14.99 -7.81 17.82
CA ASP A 27 -15.67 -6.52 17.87
C ASP A 27 -17.03 -6.69 18.56
N PRO A 28 -17.30 -5.98 19.68
CA PRO A 28 -16.49 -4.97 20.35
C PRO A 28 -15.55 -5.52 21.44
N GLY A 29 -15.64 -6.82 21.73
CA GLY A 29 -14.68 -7.49 22.61
C GLY A 29 -14.89 -8.97 22.37
N ILE A 30 -14.05 -9.82 22.92
CA ILE A 30 -14.12 -11.25 22.64
C ILE A 30 -15.45 -11.87 23.09
N GLU A 31 -15.83 -11.60 24.34
CA GLU A 31 -17.03 -12.23 24.90
C GLU A 31 -18.28 -11.76 24.14
N GLN A 32 -18.39 -10.46 23.88
CA GLN A 32 -19.59 -9.96 23.18
C GLN A 32 -19.60 -10.47 21.73
N SER A 33 -18.42 -10.55 21.07
CA SER A 33 -18.33 -11.06 19.73
C SER A 33 -18.79 -12.52 19.66
N LEU A 34 -18.40 -13.34 20.64
CA LEU A 34 -18.89 -14.72 20.68
C LEU A 34 -20.44 -14.76 20.79
N LYS A 35 -21.02 -13.87 21.60
CA LYS A 35 -22.47 -13.81 21.74
C LYS A 35 -23.15 -13.33 20.46
N ILE A 36 -22.56 -12.31 19.82
CA ILE A 36 -23.01 -11.82 18.52
C ILE A 36 -23.07 -12.98 17.53
N ILE A 37 -21.99 -13.76 17.45
CA ILE A 37 -21.89 -14.82 16.44
C ILE A 37 -22.95 -15.92 16.76
N ASP A 38 -23.13 -16.26 18.03
CA ASP A 38 -24.16 -17.23 18.37
C ASP A 38 -25.55 -16.73 17.99
N THR A 39 -25.75 -15.42 18.17
CA THR A 39 -27.03 -14.79 17.79
C THR A 39 -27.27 -14.86 16.28
N LEU A 40 -26.24 -14.54 15.49
CA LEU A 40 -26.38 -14.61 14.06
C LEU A 40 -26.79 -16.00 13.63
N ILE A 41 -26.17 -17.04 14.23
CA ILE A 41 -26.49 -18.42 13.87
C ILE A 41 -27.91 -18.75 14.32
N ASP A 42 -28.30 -18.37 15.54
CA ASP A 42 -29.60 -18.78 16.03
C ASP A 42 -30.71 -18.10 15.19
N ALA A 43 -30.42 -16.91 14.69
CA ALA A 43 -31.37 -16.14 13.88
C ALA A 43 -31.49 -16.63 12.44
N GLY A 44 -30.65 -17.58 12.02
CA GLY A 44 -30.77 -18.16 10.69
C GLY A 44 -29.60 -18.01 9.73
N ALA A 45 -28.47 -17.48 10.17
CA ALA A 45 -27.28 -17.45 9.28
C ALA A 45 -26.94 -18.84 8.75
N ASP A 46 -26.75 -18.97 7.44
CA ASP A 46 -26.39 -20.26 6.84
C ASP A 46 -24.90 -20.54 6.92
N ALA A 47 -24.11 -19.48 6.90
CA ALA A 47 -22.66 -19.55 6.96
C ALA A 47 -22.19 -18.24 7.54
N LEU A 48 -20.92 -18.17 7.88
CA LEU A 48 -20.33 -16.95 8.46
C LEU A 48 -19.14 -16.49 7.65
N GLU A 49 -18.95 -15.18 7.54
CA GLU A 49 -17.68 -14.64 7.06
C GLU A 49 -17.15 -13.82 8.25
N LEU A 50 -15.91 -14.09 8.66
CA LEU A 50 -15.37 -13.53 9.90
C LEU A 50 -14.03 -12.88 9.65
N GLY A 51 -13.93 -11.61 10.01
CA GLY A 51 -12.68 -10.86 9.78
C GLY A 51 -11.72 -10.96 10.95
N VAL A 52 -10.45 -11.13 10.68
CA VAL A 52 -9.40 -11.00 11.66
C VAL A 52 -8.95 -9.55 11.66
N PRO A 53 -8.97 -8.86 12.83
CA PRO A 53 -8.60 -7.44 12.84
C PRO A 53 -7.22 -7.23 12.24
N PHE A 54 -7.15 -6.26 11.33
CA PHE A 54 -5.91 -5.93 10.62
C PHE A 54 -5.75 -4.42 10.64
N SER A 55 -4.50 -3.99 10.73
CA SER A 55 -4.17 -2.57 10.82
CA SER A 55 -4.15 -2.57 10.80
C SER A 55 -4.57 -1.76 9.58
N ASP A 56 -4.62 -2.41 8.43
CA ASP A 56 -4.74 -1.69 7.13
C ASP A 56 -5.72 -2.38 6.17
N PRO A 57 -7.03 -2.38 6.53
CA PRO A 57 -8.04 -3.08 5.74
C PRO A 57 -8.47 -2.28 4.50
N LEU A 58 -7.65 -2.38 3.47
CA LEU A 58 -7.79 -1.49 2.29
C LEU A 58 -8.91 -1.86 1.30
N ALA A 59 -9.66 -2.94 1.57
CA ALA A 59 -10.91 -3.23 0.80
C ALA A 59 -12.17 -2.88 1.59
N ASP A 60 -12.02 -2.27 2.75
CA ASP A 60 -13.14 -1.97 3.65
C ASP A 60 -13.48 -0.48 3.75
N GLY A 61 -14.76 -0.14 3.67
CA GLY A 61 -15.18 1.22 3.96
C GLY A 61 -15.22 1.53 5.46
N PRO A 62 -15.72 2.73 5.83
CA PRO A 62 -15.60 3.20 7.22
C PRO A 62 -16.27 2.28 8.24
N THR A 63 -17.41 1.69 7.91
CA THR A 63 -18.10 0.88 8.92
C THR A 63 -17.19 -0.26 9.43
N ILE A 64 -16.60 -0.98 8.49
CA ILE A 64 -15.75 -2.11 8.85
C ILE A 64 -14.36 -1.62 9.30
N GLN A 65 -13.85 -0.51 8.76
CA GLN A 65 -12.63 0.10 9.35
C GLN A 65 -12.84 0.31 10.86
N ASN A 66 -14.02 0.82 11.25
CA ASN A 66 -14.29 1.10 12.66
C ASN A 66 -14.44 -0.15 13.48
N ALA A 67 -14.96 -1.23 12.89
CA ALA A 67 -15.01 -2.55 13.55
C ALA A 67 -13.62 -3.08 13.89
N ASN A 68 -12.71 -2.99 12.94
CA ASN A 68 -11.33 -3.39 13.16
C ASN A 68 -10.73 -2.57 14.31
N LEU A 69 -10.99 -1.26 14.30
CA LEU A 69 -10.46 -0.36 15.35
C LEU A 69 -11.02 -0.74 16.71
N ARG A 70 -12.32 -1.04 16.78
CA ARG A 70 -12.90 -1.46 18.08
C ARG A 70 -12.26 -2.74 18.61
N ALA A 71 -12.01 -3.70 17.71
CA ALA A 71 -11.40 -4.94 18.14
C ALA A 71 -9.99 -4.69 18.66
N PHE A 72 -9.25 -3.79 18.01
CA PHE A 72 -7.89 -3.46 18.49
C PHE A 72 -7.95 -2.75 19.84
N ALA A 73 -8.94 -1.87 20.05
CA ALA A 73 -9.13 -1.20 21.36
C ALA A 73 -9.34 -2.24 22.47
N ALA A 74 -9.89 -3.40 22.10
CA ALA A 74 -10.12 -4.51 23.03
C ALA A 74 -8.91 -5.45 23.11
N GLY A 75 -7.83 -5.15 22.38
CA GLY A 75 -6.59 -5.93 22.44
C GLY A 75 -6.61 -7.21 21.61
N VAL A 76 -7.53 -7.30 20.65
CA VAL A 76 -7.75 -8.55 19.90
C VAL A 76 -6.59 -8.82 18.94
N THR A 77 -6.02 -10.01 19.06
CA THR A 77 -4.91 -10.49 18.23
C THR A 77 -5.34 -11.67 17.37
N PRO A 78 -4.56 -11.98 16.33
CA PRO A 78 -4.88 -13.16 15.52
C PRO A 78 -4.88 -14.45 16.35
N ALA A 79 -4.00 -14.59 17.34
CA ALA A 79 -4.03 -15.78 18.16
C ALA A 79 -5.35 -15.88 18.92
N GLN A 80 -5.85 -14.76 19.46
CA GLN A 80 -7.15 -14.78 20.12
C GLN A 80 -8.27 -15.11 19.15
N CYS A 81 -8.16 -14.63 17.91
CA CYS A 81 -9.14 -14.96 16.89
C CYS A 81 -9.22 -16.47 16.62
N PHE A 82 -8.06 -17.14 16.58
CA PHE A 82 -8.04 -18.59 16.36
C PHE A 82 -8.62 -19.34 17.56
N GLU A 83 -8.39 -18.83 18.77
CA GLU A 83 -9.08 -19.41 19.92
C GLU A 83 -10.58 -19.28 19.76
N MET A 84 -11.04 -18.10 19.35
CA MET A 84 -12.48 -17.91 19.13
C MET A 84 -13.03 -18.88 18.10
N LEU A 85 -12.32 -19.01 16.99
CA LEU A 85 -12.72 -19.89 15.87
C LEU A 85 -12.87 -21.33 16.35
N ALA A 86 -11.93 -21.80 17.17
CA ALA A 86 -11.96 -23.18 17.63
C ALA A 86 -13.23 -23.39 18.47
N LEU A 87 -13.56 -22.41 19.30
CA LEU A 87 -14.75 -22.49 20.17
C LEU A 87 -16.03 -22.42 19.34
N ILE A 88 -16.07 -21.53 18.36
CA ILE A 88 -17.25 -21.43 17.50
C ILE A 88 -17.51 -22.77 16.83
N ARG A 89 -16.47 -23.38 16.27
CA ARG A 89 -16.62 -24.69 15.64
C ARG A 89 -17.04 -25.78 16.62
N GLU A 90 -16.52 -25.74 17.85
CA GLU A 90 -16.91 -26.72 18.85
C GLU A 90 -18.39 -26.62 19.22
N LYS A 91 -18.95 -25.43 19.07
CA LYS A 91 -20.37 -25.22 19.35
CA LYS A 91 -20.37 -25.19 19.34
C LYS A 91 -21.27 -25.58 18.18
N HIS A 92 -20.75 -25.40 16.98
CA HIS A 92 -21.53 -25.45 15.76
C HIS A 92 -20.82 -26.26 14.71
N PRO A 93 -21.17 -27.53 14.59
CA PRO A 93 -20.29 -28.39 13.79
C PRO A 93 -20.44 -28.34 12.27
N THR A 94 -21.56 -27.81 11.78
CA THR A 94 -21.81 -27.90 10.34
C THR A 94 -21.79 -26.55 9.65
N ILE A 95 -21.96 -25.44 10.35
CA ILE A 95 -22.02 -24.17 9.66
C ILE A 95 -20.69 -23.86 8.96
N PRO A 96 -20.73 -23.48 7.67
CA PRO A 96 -19.45 -23.12 7.04
C PRO A 96 -18.90 -21.81 7.61
N ILE A 97 -17.60 -21.81 7.87
CA ILE A 97 -16.92 -20.65 8.47
C ILE A 97 -15.86 -20.18 7.49
N GLY A 98 -16.00 -18.94 7.03
CA GLY A 98 -15.02 -18.36 6.13
C GLY A 98 -14.34 -17.21 6.82
N LEU A 99 -13.04 -17.08 6.57
CA LEU A 99 -12.28 -15.92 7.10
C LEU A 99 -12.07 -14.90 6.02
N LEU A 100 -12.13 -13.64 6.41
CA LEU A 100 -11.74 -12.53 5.56
C LEU A 100 -10.38 -12.04 6.08
N MET A 101 -9.33 -12.27 5.27
CA MET A 101 -7.97 -11.98 5.66
C MET A 101 -7.33 -10.96 4.74
N TYR A 102 -6.32 -10.28 5.26
CA TYR A 102 -5.42 -9.53 4.45
C TYR A 102 -4.08 -10.30 4.38
N ALA A 103 -3.39 -10.16 3.25
CA ALA A 103 -2.25 -11.02 2.93
C ALA A 103 -1.18 -11.05 4.03
N ASN A 104 -0.88 -9.90 4.65
CA ASN A 104 0.26 -9.96 5.54
C ASN A 104 -0.02 -10.89 6.73
N LEU A 105 -1.26 -11.01 7.17
CA LEU A 105 -1.56 -11.85 8.32
C LEU A 105 -1.42 -13.31 7.93
N VAL A 106 -1.61 -13.65 6.66
CA VAL A 106 -1.47 -15.04 6.18
C VAL A 106 0.01 -15.35 5.98
N PHE A 107 0.72 -14.38 5.39
CA PHE A 107 2.12 -14.57 5.01
C PHE A 107 3.08 -14.49 6.18
N ASN A 108 2.71 -13.72 7.22
CA ASN A 108 3.53 -13.32 8.39
CA ASN A 108 3.77 -13.38 8.11
C ASN A 108 4.43 -14.41 8.96
N ASN A 109 3.77 -15.47 9.35
CA ASN A 109 4.53 -16.51 10.00
C ASN A 109 4.52 -17.74 9.13
N GLY A 110 4.31 -17.55 7.83
CA GLY A 110 4.36 -18.64 6.87
C GLY A 110 2.97 -19.01 6.37
N ILE A 111 2.82 -19.03 5.04
CA ILE A 111 1.53 -19.29 4.42
C ILE A 111 1.03 -20.68 4.77
N ASP A 112 1.88 -21.70 4.63
CA ASP A 112 1.45 -23.05 4.94
C ASP A 112 0.97 -23.18 6.37
N ALA A 113 1.73 -22.59 7.29
CA ALA A 113 1.37 -22.65 8.71
C ALA A 113 0.02 -21.98 9.00
N PHE A 114 -0.28 -20.90 8.31
CA PHE A 114 -1.56 -20.23 8.46
C PHE A 114 -2.72 -21.15 8.08
N TYR A 115 -2.63 -21.75 6.90
CA TYR A 115 -3.71 -22.63 6.49
C TYR A 115 -3.77 -23.91 7.34
N ALA A 116 -2.64 -24.38 7.85
CA ALA A 116 -2.67 -25.51 8.79
C ALA A 116 -3.43 -25.14 10.07
N ARG A 117 -3.27 -23.91 10.54
CA ARG A 117 -3.97 -23.49 11.75
CA ARG A 117 -3.97 -23.42 11.73
C ARG A 117 -5.47 -23.39 11.47
N CYS A 118 -5.85 -22.90 10.28
CA CYS A 118 -7.24 -22.86 9.88
C CYS A 118 -7.85 -24.26 9.90
N GLU A 119 -7.12 -25.24 9.38
CA GLU A 119 -7.63 -26.61 9.36
C GLU A 119 -7.80 -27.13 10.76
N GLN A 120 -6.82 -26.83 11.61
CA GLN A 120 -6.88 -27.29 13.00
CA GLN A 120 -6.87 -27.26 13.03
C GLN A 120 -8.12 -26.79 13.78
N VAL A 121 -8.53 -25.54 13.54
CA VAL A 121 -9.65 -24.96 14.28
C VAL A 121 -10.98 -25.24 13.59
N GLY A 122 -10.95 -25.73 12.35
CA GLY A 122 -12.19 -26.08 11.63
C GLY A 122 -12.76 -25.00 10.73
N VAL A 123 -11.94 -24.04 10.30
CA VAL A 123 -12.34 -23.07 9.27
C VAL A 123 -12.53 -23.80 7.94
N ASP A 124 -13.48 -23.32 7.14
CA ASP A 124 -13.77 -23.90 5.82
C ASP A 124 -13.20 -23.17 4.63
N SER A 125 -13.08 -21.85 4.72
CA SER A 125 -12.59 -21.07 3.58
C SER A 125 -11.81 -19.87 4.08
N VAL A 126 -10.97 -19.34 3.18
CA VAL A 126 -10.21 -18.13 3.43
C VAL A 126 -10.28 -17.28 2.17
N LEU A 127 -10.68 -16.02 2.32
CA LEU A 127 -10.67 -15.03 1.26
C LEU A 127 -9.56 -14.04 1.63
N VAL A 128 -8.53 -13.94 0.82
CA VAL A 128 -7.44 -13.01 1.12
C VAL A 128 -7.73 -11.80 0.20
N ALA A 129 -8.12 -10.69 0.81
CA ALA A 129 -8.77 -9.60 0.05
C ALA A 129 -7.82 -8.90 -0.93
N ASP A 130 -6.53 -8.87 -0.60
CA ASP A 130 -5.52 -8.16 -1.38
C ASP A 130 -4.58 -9.10 -2.14
N VAL A 131 -5.04 -10.32 -2.42
CA VAL A 131 -4.32 -11.24 -3.30
C VAL A 131 -5.23 -11.57 -4.50
N PRO A 132 -4.94 -10.96 -5.66
CA PRO A 132 -5.74 -11.24 -6.85
C PRO A 132 -5.41 -12.62 -7.40
N VAL A 133 -6.24 -13.14 -8.32
CA VAL A 133 -5.94 -14.48 -8.83
CA VAL A 133 -5.97 -14.45 -8.88
C VAL A 133 -4.53 -14.54 -9.37
N GLU A 134 -4.05 -13.47 -9.95
CA GLU A 134 -2.71 -13.41 -10.56
C GLU A 134 -1.58 -13.72 -9.55
N GLU A 135 -1.83 -13.44 -8.26
CA GLU A 135 -0.80 -13.64 -7.21
C GLU A 135 -1.16 -14.80 -6.32
N SER A 136 -2.19 -15.55 -6.69
CA SER A 136 -2.79 -16.44 -5.71
C SER A 136 -2.10 -17.79 -5.53
N ALA A 137 -1.20 -18.20 -6.43
CA ALA A 137 -0.74 -19.58 -6.41
C ALA A 137 -0.35 -20.13 -5.06
N PRO A 138 0.58 -19.47 -4.31
CA PRO A 138 0.99 -20.14 -3.07
C PRO A 138 -0.13 -20.18 -2.03
N PHE A 139 -1.06 -19.23 -2.09
CA PHE A 139 -2.19 -19.22 -1.17
C PHE A 139 -3.18 -20.33 -1.48
N ARG A 140 -3.56 -20.47 -2.75
CA ARG A 140 -4.51 -21.51 -3.10
CA ARG A 140 -4.53 -21.51 -3.07
C ARG A 140 -3.92 -22.90 -2.95
N GLN A 141 -2.62 -23.05 -3.20
CA GLN A 141 -2.01 -24.36 -3.03
C GLN A 141 -1.97 -24.76 -1.55
N ALA A 142 -1.55 -23.82 -0.69
CA ALA A 142 -1.58 -24.10 0.76
C ALA A 142 -3.00 -24.37 1.26
N ALA A 143 -3.99 -23.61 0.78
CA ALA A 143 -5.38 -23.80 1.21
C ALA A 143 -5.76 -25.24 0.87
N LEU A 144 -5.54 -25.66 -0.38
CA LEU A 144 -5.99 -26.97 -0.76
C LEU A 144 -5.26 -28.09 -0.05
N ARG A 145 -3.95 -27.90 0.24
CA ARG A 145 -3.24 -28.91 1.04
C ARG A 145 -3.84 -29.11 2.42
N HIS A 146 -4.51 -28.10 2.96
CA HIS A 146 -5.07 -28.18 4.29
C HIS A 146 -6.59 -28.24 4.30
N ASN A 147 -7.18 -28.62 3.15
CA ASN A 147 -8.62 -28.81 3.03
C ASN A 147 -9.41 -27.53 3.35
N ILE A 148 -8.81 -26.41 2.96
CA ILE A 148 -9.45 -25.10 3.06
C ILE A 148 -9.80 -24.61 1.64
N ALA A 149 -11.02 -24.10 1.48
CA ALA A 149 -11.42 -23.50 0.20
C ALA A 149 -10.78 -22.11 0.06
N PRO A 150 -10.04 -21.86 -1.03
CA PRO A 150 -9.59 -20.49 -1.31
C PRO A 150 -10.70 -19.79 -2.09
N ILE A 151 -11.12 -18.63 -1.61
CA ILE A 151 -12.21 -17.89 -2.23
C ILE A 151 -11.64 -16.81 -3.15
N PHE A 152 -12.16 -16.75 -4.38
CA PHE A 152 -11.80 -15.69 -5.30
C PHE A 152 -12.95 -14.85 -5.72
N ILE A 153 -12.60 -13.72 -6.27
CA ILE A 153 -13.54 -12.64 -6.48
C ILE A 153 -13.78 -12.46 -7.97
N CYS A 154 -15.07 -12.39 -8.32
CA CYS A 154 -15.47 -12.11 -9.68
CA CYS A 154 -15.50 -12.05 -9.67
C CYS A 154 -16.02 -10.67 -9.70
N PRO A 155 -15.26 -9.73 -10.29
CA PRO A 155 -15.80 -8.37 -10.40
C PRO A 155 -16.90 -8.32 -11.45
N PRO A 156 -17.73 -7.26 -11.42
CA PRO A 156 -18.85 -7.12 -12.37
C PRO A 156 -18.41 -7.10 -13.84
N ASN A 157 -17.22 -6.54 -14.06
CA ASN A 157 -16.71 -6.45 -15.44
CA ASN A 157 -16.55 -6.37 -15.34
C ASN A 157 -15.73 -7.57 -15.81
N ALA A 158 -15.80 -8.69 -15.08
CA ALA A 158 -14.91 -9.82 -15.34
C ALA A 158 -14.96 -10.31 -16.79
N ASP A 159 -13.79 -10.42 -17.43
CA ASP A 159 -13.75 -10.96 -18.77
C ASP A 159 -13.70 -12.48 -18.71
N ASP A 160 -13.74 -13.12 -19.87
CA ASP A 160 -13.81 -14.58 -19.94
C ASP A 160 -12.63 -15.29 -19.31
N ASP A 161 -11.41 -14.80 -19.58
CA ASP A 161 -10.21 -15.39 -18.98
C ASP A 161 -10.31 -15.39 -17.44
N LEU A 162 -10.75 -14.27 -16.85
CA LEU A 162 -10.84 -14.15 -15.41
C LEU A 162 -11.94 -15.09 -14.86
N LEU A 163 -13.06 -15.16 -15.54
CA LEU A 163 -14.12 -16.09 -15.12
C LEU A 163 -13.62 -17.53 -15.10
N ARG A 164 -12.88 -17.88 -16.14
CA ARG A 164 -12.28 -19.22 -16.23
C ARG A 164 -11.34 -19.49 -15.07
N GLN A 165 -10.51 -18.51 -14.72
CA GLN A 165 -9.55 -18.67 -13.65
C GLN A 165 -10.25 -18.77 -12.30
N VAL A 166 -11.22 -17.89 -12.05
CA VAL A 166 -11.94 -17.96 -10.77
C VAL A 166 -12.67 -19.30 -10.66
N ALA A 167 -13.30 -19.73 -11.76
CA ALA A 167 -14.01 -21.01 -11.76
C ALA A 167 -13.07 -22.18 -11.48
N SER A 168 -11.87 -22.17 -12.06
CA SER A 168 -10.92 -23.27 -11.90
C SER A 168 -10.25 -23.28 -10.52
N TYR A 169 -9.88 -22.09 -10.05
CA TYR A 169 -9.03 -21.99 -8.88
C TYR A 169 -9.79 -21.97 -7.54
N GLY A 170 -11.01 -21.43 -7.54
CA GLY A 170 -11.73 -21.29 -6.29
C GLY A 170 -12.42 -22.57 -5.84
N ARG A 171 -12.87 -22.60 -4.59
CA ARG A 171 -13.64 -23.72 -4.08
C ARG A 171 -14.60 -23.15 -3.07
N GLY A 172 -15.61 -23.93 -2.71
CA GLY A 172 -16.50 -23.53 -1.62
C GLY A 172 -17.61 -22.65 -2.13
N TYR A 173 -17.27 -21.40 -2.43
CA TYR A 173 -18.18 -20.51 -3.13
C TYR A 173 -17.36 -19.55 -3.95
N THR A 174 -18.00 -18.94 -4.94
CA THR A 174 -17.39 -17.89 -5.75
C THR A 174 -17.94 -16.56 -5.26
N TYR A 175 -17.05 -15.61 -4.98
CA TYR A 175 -17.52 -14.31 -4.50
C TYR A 175 -17.91 -13.44 -5.68
N LEU A 176 -19.18 -13.04 -5.75
CA LEU A 176 -19.63 -12.21 -6.85
C LEU A 176 -19.75 -10.77 -6.33
N LEU A 177 -18.82 -9.91 -6.72
CA LEU A 177 -18.83 -8.51 -6.25
C LEU A 177 -19.99 -7.80 -6.90
N SER A 178 -20.74 -7.06 -6.11
CA SER A 178 -21.86 -6.34 -6.69
CA SER A 178 -21.88 -6.29 -6.61
C SER A 178 -21.47 -5.07 -7.43
N ARG A 179 -20.27 -4.54 -7.16
CA ARG A 179 -19.84 -3.24 -7.67
C ARG A 179 -18.35 -3.08 -7.37
N SER A 180 -17.74 -2.07 -8.01
CA SER A 180 -16.40 -1.61 -7.66
C SER A 180 -16.45 -0.88 -6.30
N GLY A 181 -15.31 -0.38 -5.84
CA GLY A 181 -15.20 0.30 -4.55
C GLY A 181 -14.95 -0.66 -3.43
N VAL A 182 -15.31 -0.22 -2.22
CA VAL A 182 -14.98 -0.95 -0.97
C VAL A 182 -16.25 -1.33 -0.22
N THR A 183 -16.12 -2.14 0.84
CA THR A 183 -17.34 -2.54 1.56
C THR A 183 -18.13 -1.34 2.06
N GLY A 184 -19.45 -1.48 2.11
CA GLY A 184 -20.27 -0.44 2.74
C GLY A 184 -21.72 -0.53 2.35
N ALA A 185 -22.57 -0.37 3.33
CA ALA A 185 -24.02 -0.42 3.14
C ALA A 185 -24.56 0.85 2.45
N GLU A 186 -23.74 1.92 2.46
CA GLU A 186 -24.12 3.26 1.96
C GLU A 186 -24.08 3.34 0.43
N ASN A 187 -23.64 2.25 -0.21
CA ASN A 187 -23.39 2.17 -1.63
C ASN A 187 -23.95 0.84 -2.15
N ARG A 188 -25.12 0.89 -2.76
CA ARG A 188 -25.76 -0.30 -3.29
C ARG A 188 -25.21 -0.65 -4.66
N GLY A 189 -25.01 -1.95 -4.87
CA GLY A 189 -24.45 -2.41 -6.11
C GLY A 189 -25.53 -2.88 -7.05
N ALA A 190 -25.13 -3.80 -7.91
CA ALA A 190 -25.90 -4.19 -9.07
C ALA A 190 -26.71 -5.48 -8.79
N LEU A 191 -27.51 -6.01 -9.74
CA LEU A 191 -27.21 -6.20 -11.18
C LEU A 191 -26.00 -7.13 -11.19
N PRO A 192 -26.13 -8.30 -10.55
CA PRO A 192 -25.03 -9.21 -10.16
C PRO A 192 -23.80 -9.26 -11.08
N LEU A 193 -23.97 -9.52 -12.39
CA LEU A 193 -25.28 -9.76 -13.01
C LEU A 193 -25.46 -11.18 -13.53
N HIS A 194 -26.51 -11.34 -14.35
CA HIS A 194 -26.97 -12.64 -14.82
C HIS A 194 -26.00 -13.33 -15.75
N HIS A 195 -25.35 -12.55 -16.62
CA HIS A 195 -24.39 -13.09 -17.57
C HIS A 195 -23.25 -13.76 -16.86
N LEU A 196 -22.71 -13.07 -15.85
CA LEU A 196 -21.64 -13.62 -15.04
CA LEU A 196 -21.64 -13.58 -15.01
C LEU A 196 -22.08 -14.87 -14.31
N ILE A 197 -23.27 -14.82 -13.71
CA ILE A 197 -23.78 -15.97 -12.94
C ILE A 197 -23.88 -17.20 -13.86
N GLU A 198 -24.38 -16.99 -15.09
CA GLU A 198 -24.54 -18.06 -16.06
CA GLU A 198 -24.54 -18.05 -16.08
C GLU A 198 -23.20 -18.61 -16.57
N LYS A 199 -22.24 -17.72 -16.87
CA LYS A 199 -20.89 -18.16 -17.29
C LYS A 199 -20.18 -18.97 -16.18
N LEU A 200 -20.31 -18.50 -14.95
CA LEU A 200 -19.74 -19.25 -13.82
C LEU A 200 -20.30 -20.67 -13.74
N LYS A 201 -21.61 -20.80 -13.95
CA LYS A 201 -22.23 -22.13 -13.92
C LYS A 201 -21.74 -22.98 -15.10
N GLU A 202 -21.60 -22.35 -16.26
CA GLU A 202 -21.07 -23.02 -17.43
C GLU A 202 -19.67 -23.57 -17.18
N TYR A 203 -18.85 -22.80 -16.45
CA TYR A 203 -17.50 -23.22 -16.12
C TYR A 203 -17.39 -24.06 -14.85
N HIS A 204 -18.52 -24.49 -14.31
CA HIS A 204 -18.57 -25.35 -13.11
C HIS A 204 -17.89 -24.73 -11.91
N ALA A 205 -18.02 -23.41 -11.77
CA ALA A 205 -17.51 -22.71 -10.61
C ALA A 205 -18.25 -23.13 -9.33
N ALA A 206 -17.62 -22.91 -8.20
CA ALA A 206 -18.32 -23.04 -6.95
C ALA A 206 -19.51 -22.07 -6.93
N PRO A 207 -20.58 -22.42 -6.21
CA PRO A 207 -21.79 -21.60 -6.22
C PRO A 207 -21.51 -20.14 -5.84
N ALA A 208 -22.17 -19.19 -6.48
CA ALA A 208 -21.91 -17.75 -6.25
C ALA A 208 -22.63 -17.17 -5.03
N LEU A 209 -21.90 -16.42 -4.21
CA LEU A 209 -22.51 -15.57 -3.18
C LEU A 209 -22.26 -14.14 -3.58
N GLN A 210 -23.33 -13.34 -3.66
CA GLN A 210 -23.19 -11.91 -3.96
C GLN A 210 -22.88 -11.11 -2.74
N GLY A 211 -21.87 -10.23 -2.83
CA GLY A 211 -21.57 -9.33 -1.71
C GLY A 211 -21.09 -7.96 -2.16
N PHE A 212 -21.12 -7.07 -1.16
CA PHE A 212 -20.87 -5.60 -1.20
C PHE A 212 -22.21 -4.88 -1.35
N GLY A 213 -22.51 -4.03 -0.37
CA GLY A 213 -23.72 -3.21 -0.42
C GLY A 213 -25.05 -3.88 -0.14
N ILE A 214 -25.05 -5.16 0.24
CA ILE A 214 -26.33 -5.89 0.52
C ILE A 214 -26.79 -5.53 1.93
N SER A 215 -27.88 -4.78 2.04
CA SER A 215 -28.31 -4.25 3.33
CA SER A 215 -28.30 -4.28 3.34
C SER A 215 -29.80 -4.44 3.62
N SER A 216 -30.54 -5.00 2.67
CA SER A 216 -31.98 -5.16 2.81
C SER A 216 -32.47 -6.50 2.32
N PRO A 217 -33.62 -6.93 2.85
CA PRO A 217 -34.16 -8.21 2.44
C PRO A 217 -34.42 -8.29 0.94
N GLU A 218 -34.87 -7.20 0.35
CA GLU A 218 -35.16 -7.20 -1.06
CA GLU A 218 -35.18 -7.24 -1.07
C GLU A 218 -33.93 -7.52 -1.92
N GLN A 219 -32.75 -7.07 -1.48
CA GLN A 219 -31.53 -7.38 -2.19
C GLN A 219 -31.15 -8.85 -2.10
N VAL A 220 -31.41 -9.48 -0.96
CA VAL A 220 -31.14 -10.89 -0.77
C VAL A 220 -32.03 -11.68 -1.71
N SER A 221 -33.32 -11.34 -1.71
CA SER A 221 -34.24 -12.03 -2.62
CA SER A 221 -34.24 -11.99 -2.61
C SER A 221 -33.83 -11.85 -4.10
N ALA A 222 -33.46 -10.65 -4.50
CA ALA A 222 -33.04 -10.38 -5.86
C ALA A 222 -31.79 -11.15 -6.27
N ALA A 223 -30.83 -11.25 -5.35
CA ALA A 223 -29.59 -11.97 -5.64
C ALA A 223 -29.89 -13.42 -5.99
N VAL A 224 -30.76 -14.04 -5.20
CA VAL A 224 -31.10 -15.44 -5.38
C VAL A 224 -31.94 -15.58 -6.63
N ARG A 225 -32.87 -14.68 -6.87
CA ARG A 225 -33.66 -14.73 -8.08
C ARG A 225 -32.80 -14.60 -9.34
N ALA A 226 -31.70 -13.85 -9.24
CA ALA A 226 -30.75 -13.70 -10.36
C ALA A 226 -29.89 -14.93 -10.66
N GLY A 227 -29.95 -15.92 -9.77
CA GLY A 227 -29.24 -17.18 -9.95
C GLY A 227 -28.08 -17.37 -8.98
N ALA A 228 -27.82 -16.38 -8.11
CA ALA A 228 -26.76 -16.58 -7.11
C ALA A 228 -27.27 -17.59 -6.08
N ALA A 229 -26.33 -18.28 -5.45
CA ALA A 229 -26.70 -19.22 -4.40
C ALA A 229 -27.02 -18.53 -3.07
N GLY A 230 -26.76 -17.24 -2.96
CA GLY A 230 -27.01 -16.52 -1.73
C GLY A 230 -26.34 -15.17 -1.74
N ALA A 231 -26.33 -14.55 -0.55
CA ALA A 231 -25.85 -13.19 -0.42
C ALA A 231 -25.13 -13.01 0.90
N ILE A 232 -24.09 -12.18 0.89
CA ILE A 232 -23.32 -11.79 2.06
C ILE A 232 -23.65 -10.35 2.44
N SER A 233 -23.79 -10.07 3.74
CA SER A 233 -24.02 -8.70 4.25
C SER A 233 -23.10 -8.46 5.44
N GLY A 234 -22.30 -7.38 5.38
CA GLY A 234 -21.34 -7.07 6.44
C GLY A 234 -21.64 -5.76 7.10
N SER A 235 -21.44 -4.65 6.40
CA SER A 235 -21.68 -3.32 7.00
C SER A 235 -23.04 -3.16 7.68
N ALA A 236 -24.11 -3.69 7.08
CA ALA A 236 -25.44 -3.56 7.66
C ALA A 236 -25.52 -4.25 9.03
N ILE A 237 -24.82 -5.37 9.17
CA ILE A 237 -24.74 -6.10 10.44
C ILE A 237 -23.87 -5.30 11.43
N VAL A 238 -22.70 -4.88 10.94
CA VAL A 238 -21.72 -4.19 11.81
C VAL A 238 -22.30 -2.85 12.29
N LYS A 239 -23.11 -2.19 11.46
CA LYS A 239 -23.78 -0.95 11.90
C LYS A 239 -24.66 -1.13 13.13
N ILE A 240 -25.29 -2.32 13.26
CA ILE A 240 -26.14 -2.63 14.42
C ILE A 240 -25.26 -2.75 15.67
N ILE A 241 -24.06 -3.33 15.51
CA ILE A 241 -23.09 -3.39 16.61
C ILE A 241 -22.70 -1.96 17.04
N GLU A 242 -22.25 -1.18 16.07
CA GLU A 242 -21.85 0.21 16.29
C GLU A 242 -22.92 1.03 16.98
N LYS A 243 -24.16 0.89 16.53
CA LYS A 243 -25.28 1.68 17.05
C LYS A 243 -25.61 1.35 18.51
N ASN A 244 -25.36 0.10 18.91
CA ASN A 244 -25.79 -0.39 20.20
C ASN A 244 -24.63 -0.75 21.13
N LEU A 245 -23.47 -0.11 20.97
CA LEU A 245 -22.32 -0.44 21.83
C LEU A 245 -22.66 -0.36 23.32
N ALA A 246 -23.41 0.68 23.71
CA ALA A 246 -23.74 0.93 25.10
C ALA A 246 -24.84 0.00 25.60
N SER A 247 -25.47 -0.74 24.68
CA SER A 247 -26.64 -1.55 25.04
C SER A 247 -26.50 -2.97 24.51
N PRO A 248 -25.62 -3.80 25.13
CA PRO A 248 -25.31 -5.09 24.52
C PRO A 248 -26.51 -6.05 24.39
N LYS A 249 -27.47 -6.02 25.31
CA LYS A 249 -28.67 -6.86 25.12
C LYS A 249 -29.54 -6.37 23.97
N GLN A 250 -29.75 -5.06 23.88
CA GLN A 250 -30.44 -4.50 22.71
C GLN A 250 -29.70 -4.80 21.39
N MET A 251 -28.38 -4.74 21.41
CA MET A 251 -27.57 -5.10 20.23
C MET A 251 -27.96 -6.50 19.70
N LEU A 252 -28.03 -7.45 20.62
CA LEU A 252 -28.33 -8.83 20.27
C LEU A 252 -29.76 -8.96 19.77
N ALA A 253 -30.70 -8.25 20.38
CA ALA A 253 -32.05 -8.32 19.89
C ALA A 253 -32.20 -7.75 18.49
N GLU A 254 -31.53 -6.63 18.21
CA GLU A 254 -31.58 -6.01 16.88
C GLU A 254 -30.87 -6.86 15.83
N LEU A 255 -29.75 -7.47 16.21
CA LEU A 255 -29.07 -8.39 15.28
C LEU A 255 -29.98 -9.55 14.91
N ARG A 256 -30.65 -10.12 15.90
CA ARG A 256 -31.54 -11.24 15.66
C ARG A 256 -32.67 -10.86 14.73
N SER A 257 -33.31 -9.72 14.98
CA SER A 257 -34.41 -9.25 14.15
CA SER A 257 -34.41 -9.26 14.15
C SER A 257 -33.93 -9.04 12.71
N PHE A 258 -32.78 -8.40 12.54
CA PHE A 258 -32.25 -8.13 11.20
C PHE A 258 -31.88 -9.40 10.46
N VAL A 259 -31.13 -10.28 11.10
CA VAL A 259 -30.72 -11.51 10.45
C VAL A 259 -31.93 -12.37 10.12
N SER A 260 -32.89 -12.46 11.02
CA SER A 260 -34.11 -13.22 10.74
CA SER A 260 -34.12 -13.23 10.75
C SER A 260 -34.80 -12.71 9.48
N ALA A 261 -34.90 -11.39 9.34
CA ALA A 261 -35.54 -10.79 8.14
C ALA A 261 -34.75 -11.05 6.85
N MET A 262 -33.44 -10.93 6.96
CA MET A 262 -32.56 -11.17 5.83
C MET A 262 -32.63 -12.64 5.42
N LYS A 263 -32.58 -13.56 6.39
CA LYS A 263 -32.66 -14.97 6.05
C LYS A 263 -34.06 -15.30 5.47
N ALA A 264 -35.12 -14.71 5.99
CA ALA A 264 -36.46 -14.97 5.47
C ALA A 264 -36.53 -14.66 3.96
N ALA A 265 -35.82 -13.63 3.53
CA ALA A 265 -35.84 -13.19 2.14
C ALA A 265 -35.19 -14.21 1.19
N SER A 266 -34.37 -15.11 1.71
CA SER A 266 -33.70 -16.09 0.87
C SER A 266 -34.55 -17.34 0.64
N ARG A 267 -35.68 -17.47 1.31
CA ARG A 267 -36.47 -18.70 1.23
C ARG A 267 -37.36 -18.69 0.01
N ALA A 268 -37.63 -19.88 -0.52
CA ALA A 268 -38.58 -20.05 -1.62
C ALA A 268 -40.03 -19.84 -1.18
N THR B 2 -1.54 -11.66 -16.10
CA THR B 2 -0.69 -11.45 -17.30
C THR B 2 -0.27 -9.99 -17.37
N THR B 3 1.02 -9.75 -17.56
CA THR B 3 1.53 -8.38 -17.66
C THR B 3 2.52 -8.30 -18.80
N LEU B 4 2.84 -7.08 -19.19
CA LEU B 4 3.82 -6.82 -20.24
C LEU B 4 5.27 -6.84 -19.76
N LEU B 5 5.42 -6.42 -18.50
CA LEU B 5 6.71 -6.28 -17.80
C LEU B 5 6.73 -7.17 -16.58
N ASN B 6 7.94 -7.46 -16.11
CA ASN B 6 8.09 -8.30 -14.93
C ASN B 6 7.68 -7.49 -13.69
N PRO B 7 6.65 -7.95 -12.95
CA PRO B 7 6.21 -7.23 -11.75
C PRO B 7 7.12 -7.44 -10.54
N TYR B 8 8.08 -8.36 -10.63
CA TYR B 8 8.96 -8.70 -9.51
C TYR B 8 10.41 -8.31 -9.77
N PHE B 9 11.10 -8.06 -8.67
CA PHE B 9 12.55 -7.87 -8.64
C PHE B 9 13.01 -9.00 -7.72
N GLY B 10 13.42 -10.11 -8.32
CA GLY B 10 13.61 -11.34 -7.57
C GLY B 10 12.32 -11.70 -6.86
N GLU B 11 12.37 -11.94 -5.54
CA GLU B 11 11.15 -12.29 -4.79
C GLU B 11 10.26 -11.08 -4.43
N PHE B 12 10.75 -9.88 -4.67
CA PHE B 12 10.10 -8.69 -4.15
C PHE B 12 9.22 -8.01 -5.18
N GLY B 13 8.15 -7.41 -4.72
CA GLY B 13 7.29 -6.64 -5.61
C GLY B 13 5.92 -7.27 -5.80
N GLY B 14 5.48 -7.43 -7.05
CA GLY B 14 4.17 -8.02 -7.28
C GLY B 14 3.05 -7.01 -7.34
N MET B 15 1.81 -7.52 -7.34
CA MET B 15 0.58 -6.77 -7.55
C MET B 15 -0.44 -7.25 -6.52
N TYR B 16 -0.20 -6.96 -5.23
CA TYR B 16 -1.05 -7.48 -4.18
C TYR B 16 -2.15 -6.48 -3.88
N VAL B 17 -3.07 -6.36 -4.83
CA VAL B 17 -4.22 -5.48 -4.69
C VAL B 17 -5.48 -6.30 -4.84
N PRO B 18 -6.60 -5.78 -4.32
CA PRO B 18 -7.89 -6.44 -4.59
C PRO B 18 -8.10 -6.64 -6.09
N GLN B 19 -8.78 -7.72 -6.44
CA GLN B 19 -9.04 -8.06 -7.85
C GLN B 19 -9.65 -6.90 -8.64
N ILE B 20 -10.52 -6.12 -7.99
CA ILE B 20 -11.17 -5.00 -8.67
C ILE B 20 -10.16 -4.01 -9.26
N LEU B 21 -8.97 -3.90 -8.68
CA LEU B 21 -7.94 -2.94 -9.14
C LEU B 21 -7.01 -3.47 -10.20
N MET B 22 -7.06 -4.76 -10.47
CA MET B 22 -6.16 -5.29 -11.49
C MET B 22 -6.30 -4.63 -12.87
N PRO B 23 -7.53 -4.42 -13.35
CA PRO B 23 -7.58 -3.75 -14.66
C PRO B 23 -6.97 -2.35 -14.67
N ALA B 24 -7.07 -1.61 -13.57
CA ALA B 24 -6.45 -0.29 -13.49
C ALA B 24 -4.92 -0.43 -13.58
N LEU B 25 -4.35 -1.43 -12.91
CA LEU B 25 -2.89 -1.59 -13.00
C LEU B 25 -2.48 -2.04 -14.39
N ASN B 26 -3.25 -2.94 -15.02
CA ASN B 26 -2.92 -3.40 -16.35
C ASN B 26 -3.01 -2.24 -17.34
N GLN B 27 -4.06 -1.42 -17.22
CA GLN B 27 -4.22 -0.26 -18.11
C GLN B 27 -3.03 0.68 -17.94
N LEU B 28 -2.63 0.94 -16.70
CA LEU B 28 -1.53 1.85 -16.44
C LEU B 28 -0.23 1.29 -17.04
N GLU B 29 0.01 -0.01 -16.85
CA GLU B 29 1.21 -0.62 -17.41
C GLU B 29 1.25 -0.49 -18.94
N GLU B 30 0.13 -0.79 -19.60
CA GLU B 30 0.07 -0.68 -21.05
CA GLU B 30 0.03 -0.68 -21.05
C GLU B 30 0.33 0.74 -21.52
N ALA B 31 -0.25 1.72 -20.83
CA ALA B 31 -0.08 3.13 -21.24
C ALA B 31 1.36 3.55 -21.03
N PHE B 32 1.99 3.08 -19.95
CA PHE B 32 3.39 3.37 -19.70
C PHE B 32 4.32 2.78 -20.79
N VAL B 33 4.12 1.50 -21.10
CA VAL B 33 4.92 0.87 -22.13
C VAL B 33 4.76 1.62 -23.46
N SER B 34 3.54 2.02 -23.79
CA SER B 34 3.27 2.77 -25.00
C SER B 34 3.97 4.14 -24.98
N ALA B 35 3.86 4.82 -23.86
CA ALA B 35 4.43 6.15 -23.70
C ALA B 35 5.96 6.09 -23.84
N GLN B 36 6.58 5.05 -23.29
CA GLN B 36 8.04 4.92 -23.33
C GLN B 36 8.56 4.76 -24.76
N LYS B 37 7.71 4.28 -25.68
CA LYS B 37 8.12 4.15 -27.09
C LYS B 37 7.67 5.31 -27.95
N ASP B 38 7.01 6.29 -27.36
CA ASP B 38 6.38 7.38 -28.10
C ASP B 38 7.29 8.63 -28.05
N PRO B 39 7.92 8.97 -29.18
CA PRO B 39 8.81 10.15 -29.12
C PRO B 39 8.11 11.46 -28.77
N GLU B 40 6.81 11.58 -29.10
CA GLU B 40 6.07 12.78 -28.72
C GLU B 40 5.86 12.89 -27.22
N PHE B 41 5.55 11.78 -26.56
CA PHE B 41 5.42 11.78 -25.10
C PHE B 41 6.78 12.14 -24.49
N GLN B 42 7.83 11.51 -24.98
CA GLN B 42 9.16 11.80 -24.46
C GLN B 42 9.54 13.26 -24.62
N ALA B 43 9.24 13.83 -25.80
CA ALA B 43 9.53 15.27 -26.04
C ALA B 43 8.71 16.18 -25.11
N GLN B 44 7.43 15.84 -24.87
CA GLN B 44 6.61 16.65 -23.97
CA GLN B 44 6.59 16.63 -23.97
C GLN B 44 7.14 16.59 -22.55
N PHE B 45 7.50 15.39 -22.13
CA PHE B 45 8.04 15.22 -20.77
C PHE B 45 9.35 16.00 -20.65
N ALA B 46 10.25 15.85 -21.62
CA ALA B 46 11.53 16.57 -21.57
C ALA B 46 11.32 18.09 -21.57
N ASP B 47 10.32 18.57 -22.30
CA ASP B 47 10.06 20.00 -22.36
C ASP B 47 9.60 20.52 -21.00
N LEU B 48 8.69 19.81 -20.34
CA LEU B 48 8.28 20.22 -18.98
C LEU B 48 9.46 20.18 -18.02
N LEU B 49 10.25 19.10 -18.08
CA LEU B 49 11.37 19.02 -17.17
C LEU B 49 12.35 20.18 -17.34
N LYS B 50 12.62 20.56 -18.59
CA LYS B 50 13.56 21.64 -18.88
C LYS B 50 12.94 23.00 -18.55
N ASN B 51 11.81 23.30 -19.16
CA ASN B 51 11.34 24.69 -19.16
C ASN B 51 10.41 25.06 -18.03
N TYR B 52 9.86 24.06 -17.35
CA TYR B 52 9.01 24.29 -16.19
C TYR B 52 9.76 23.93 -14.91
N ALA B 53 10.41 22.78 -14.85
CA ALA B 53 11.04 22.33 -13.63
C ALA B 53 12.48 22.76 -13.45
N GLY B 54 13.16 23.10 -14.54
CA GLY B 54 14.53 23.62 -14.46
C GLY B 54 15.63 22.58 -14.61
N ARG B 55 15.38 21.46 -15.28
CA ARG B 55 16.46 20.49 -15.54
C ARG B 55 17.36 20.93 -16.71
N PRO B 56 18.64 20.52 -16.74
CA PRO B 56 19.31 19.66 -15.78
C PRO B 56 19.64 20.41 -14.50
N THR B 57 19.61 19.71 -13.38
CA THR B 57 20.02 20.33 -12.13
C THR B 57 21.55 20.30 -12.02
N ALA B 58 22.12 21.25 -11.30
CA ALA B 58 23.56 21.36 -11.18
C ALA B 58 24.15 20.15 -10.46
N LEU B 59 25.45 19.95 -10.68
CA LEU B 59 26.27 19.05 -9.88
C LEU B 59 27.36 19.87 -9.23
N THR B 60 27.29 20.03 -7.91
CA THR B 60 28.13 20.99 -7.19
C THR B 60 29.30 20.31 -6.50
N LYS B 61 30.52 20.73 -6.79
CA LYS B 61 31.67 20.22 -6.05
C LYS B 61 31.79 20.93 -4.70
N CYS B 62 31.82 20.18 -3.62
CA CYS B 62 31.91 20.74 -2.27
CA CYS B 62 31.97 20.87 -2.34
C CYS B 62 33.32 20.66 -1.73
N GLN B 63 34.12 21.68 -1.94
CA GLN B 63 35.53 21.62 -1.55
C GLN B 63 35.76 21.92 -0.05
N ASN B 64 34.95 22.81 0.54
CA ASN B 64 35.22 23.17 1.95
C ASN B 64 34.99 21.98 2.86
N ILE B 65 33.95 21.20 2.63
CA ILE B 65 33.58 20.04 3.45
CA ILE B 65 33.67 20.15 3.60
C ILE B 65 34.67 18.99 3.53
N THR B 66 35.39 18.83 2.43
CA THR B 66 36.33 17.71 2.29
C THR B 66 37.79 18.13 2.46
N ALA B 67 38.05 19.39 2.78
CA ALA B 67 39.41 19.89 2.93
C ALA B 67 40.22 19.01 3.88
N GLY B 68 41.45 18.67 3.47
CA GLY B 68 42.36 17.89 4.32
C GLY B 68 42.15 16.38 4.25
N THR B 69 41.28 15.93 3.35
CA THR B 69 41.03 14.50 3.15
C THR B 69 41.23 14.14 1.70
N ARG B 70 41.18 12.84 1.38
CA ARG B 70 41.27 12.40 0.00
C ARG B 70 39.90 12.08 -0.63
N THR B 71 38.85 12.58 -0.02
CA THR B 71 37.48 12.53 -0.55
C THR B 71 37.23 13.72 -1.47
N THR B 72 36.68 13.45 -2.67
CA THR B 72 36.10 14.47 -3.54
C THR B 72 34.60 14.24 -3.52
N LEU B 73 33.86 15.27 -3.12
CA LEU B 73 32.41 15.14 -2.96
C LEU B 73 31.66 16.09 -3.86
N TYR B 74 30.74 15.55 -4.64
CA TYR B 74 29.78 16.34 -5.41
C TYR B 74 28.38 16.10 -4.87
N LEU B 75 27.55 17.14 -4.99
CA LEU B 75 26.13 17.05 -4.64
C LEU B 75 25.31 17.21 -5.91
N LYS B 76 24.42 16.26 -6.17
CA LYS B 76 23.47 16.40 -7.29
C LYS B 76 22.30 17.23 -6.74
N ARG B 77 22.04 18.37 -7.39
CA ARG B 77 21.23 19.45 -6.79
C ARG B 77 19.75 19.35 -7.11
N GLU B 78 19.12 18.27 -6.66
CA GLU B 78 17.69 18.15 -6.82
C GLU B 78 16.96 19.19 -5.94
N ASP B 79 17.65 19.77 -4.94
CA ASP B 79 17.10 20.88 -4.15
C ASP B 79 16.79 22.09 -5.02
N LEU B 80 17.42 22.18 -6.22
CA LEU B 80 17.17 23.31 -7.13
C LEU B 80 16.01 23.07 -8.08
N LEU B 81 15.44 21.87 -8.09
CA LEU B 81 14.31 21.59 -8.97
C LEU B 81 13.10 22.39 -8.50
N HIS B 82 12.24 22.76 -9.43
CA HIS B 82 10.99 23.42 -9.05
C HIS B 82 10.25 22.60 -8.02
N GLY B 83 9.81 23.24 -6.93
CA GLY B 83 9.19 22.55 -5.81
C GLY B 83 10.16 22.23 -4.68
N GLY B 84 11.46 22.27 -4.95
CA GLY B 84 12.49 22.06 -3.92
C GLY B 84 12.80 20.62 -3.62
N ALA B 85 12.33 19.68 -4.42
CA ALA B 85 12.70 18.27 -4.23
C ALA B 85 12.55 17.55 -5.54
N HIS B 86 13.16 16.36 -5.60
CA HIS B 86 13.16 15.53 -6.80
C HIS B 86 11.80 15.04 -7.16
N LYS B 87 10.83 15.07 -6.23
CA LYS B 87 9.49 14.50 -6.50
C LYS B 87 8.83 15.06 -7.75
N THR B 88 9.15 16.30 -8.06
CA THR B 88 8.57 16.96 -9.21
C THR B 88 8.83 16.19 -10.50
N ASN B 89 9.97 15.50 -10.65
CA ASN B 89 10.22 14.82 -11.91
C ASN B 89 9.12 13.83 -12.23
N GLN B 90 8.83 12.96 -11.27
CA GLN B 90 7.98 11.82 -11.59
C GLN B 90 6.49 12.20 -11.55
N VAL B 91 6.09 13.20 -10.77
CA VAL B 91 4.72 13.65 -10.85
C VAL B 91 4.40 14.27 -12.20
N LEU B 92 5.36 14.95 -12.83
CA LEU B 92 5.13 15.45 -14.19
C LEU B 92 4.90 14.30 -15.18
N GLY B 93 5.72 13.26 -15.11
CA GLY B 93 5.57 12.10 -15.99
C GLY B 93 4.25 11.38 -15.71
N GLN B 94 3.89 11.17 -14.43
CA GLN B 94 2.64 10.49 -14.15
C GLN B 94 1.42 11.33 -14.57
N ALA B 95 1.49 12.66 -14.43
CA ALA B 95 0.39 13.50 -14.89
C ALA B 95 0.25 13.35 -16.43
N LEU B 96 1.37 13.29 -17.18
CA LEU B 96 1.29 13.06 -18.61
C LEU B 96 0.71 11.68 -18.91
N LEU B 97 1.04 10.66 -18.12
CA LEU B 97 0.41 9.32 -18.33
CA LEU B 97 0.44 9.33 -18.32
C LEU B 97 -1.08 9.39 -18.09
N ALA B 98 -1.50 10.07 -17.04
CA ALA B 98 -2.92 10.21 -16.79
C ALA B 98 -3.62 10.81 -17.98
N LYS B 99 -3.06 11.88 -18.52
CA LYS B 99 -3.66 12.49 -19.68
C LYS B 99 -3.63 11.55 -20.90
N ARG B 100 -2.56 10.78 -21.07
CA ARG B 100 -2.46 9.81 -22.17
C ARG B 100 -3.64 8.83 -22.14
N MET B 101 -4.00 8.42 -20.93
CA MET B 101 -5.09 7.48 -20.73
C MET B 101 -6.46 8.13 -20.79
N GLY B 102 -6.49 9.45 -20.92
CA GLY B 102 -7.73 10.18 -20.98
C GLY B 102 -8.35 10.51 -19.65
N LYS B 103 -7.56 10.44 -18.57
CA LYS B 103 -8.10 10.73 -17.24
C LYS B 103 -7.97 12.20 -16.91
N SER B 104 -8.90 12.71 -16.10
CA SER B 104 -8.95 14.13 -15.79
C SER B 104 -8.81 14.41 -14.32
N GLU B 105 -8.68 13.35 -13.53
CA GLU B 105 -8.61 13.48 -12.08
C GLU B 105 -7.40 12.74 -11.55
N ILE B 106 -6.80 13.29 -10.48
CA ILE B 106 -5.63 12.71 -9.80
C ILE B 106 -5.97 12.47 -8.33
N ILE B 107 -5.60 11.30 -7.82
CA ILE B 107 -5.61 11.00 -6.39
C ILE B 107 -4.14 10.86 -5.97
N ALA B 108 -3.76 11.40 -4.81
CA ALA B 108 -2.39 11.19 -4.31
C ALA B 108 -2.44 11.02 -2.81
N GLU B 109 -1.49 10.28 -2.25
CA GLU B 109 -1.29 10.21 -0.81
C GLU B 109 -0.12 11.13 -0.43
N THR B 110 -0.08 11.59 0.81
CA THR B 110 1.13 12.29 1.27
C THR B 110 1.24 12.19 2.79
N GLY B 111 2.47 12.21 3.30
CA GLY B 111 2.76 12.16 4.74
C GLY B 111 3.24 13.53 5.16
N ALA B 112 4.50 13.81 4.84
CA ALA B 112 5.14 15.09 5.12
C ALA B 112 4.56 16.22 4.28
N GLY B 113 3.91 15.87 3.17
CA GLY B 113 3.26 16.86 2.33
C GLY B 113 3.98 17.22 1.06
N GLN B 114 5.24 16.82 0.89
CA GLN B 114 5.97 17.19 -0.32
C GLN B 114 5.35 16.54 -1.54
N HIS B 115 4.99 15.26 -1.47
CA HIS B 115 4.34 14.64 -2.62
C HIS B 115 3.00 15.27 -2.91
N GLY B 116 2.24 15.62 -1.88
CA GLY B 116 0.96 16.31 -2.11
C GLY B 116 1.15 17.63 -2.85
N VAL B 117 2.16 18.41 -2.44
CA VAL B 117 2.44 19.68 -3.10
C VAL B 117 2.88 19.42 -4.54
N ALA B 118 3.75 18.42 -4.75
CA ALA B 118 4.22 18.11 -6.11
C ALA B 118 3.03 17.72 -7.02
N SER B 119 2.16 16.88 -6.47
CA SER B 119 0.99 16.42 -7.21
CA SER B 119 1.00 16.41 -7.22
C SER B 119 0.08 17.60 -7.53
N ALA B 120 -0.11 18.48 -6.54
CA ALA B 120 -0.97 19.63 -6.76
C ALA B 120 -0.41 20.57 -7.82
N LEU B 121 0.90 20.79 -7.80
CA LEU B 121 1.49 21.71 -8.77
C LEU B 121 1.39 21.13 -10.19
N ALA B 122 1.68 19.83 -10.36
CA ALA B 122 1.61 19.19 -11.67
C ALA B 122 0.15 19.25 -12.16
N SER B 123 -0.79 19.02 -11.25
CA SER B 123 -2.20 18.99 -11.64
C SER B 123 -2.68 20.38 -12.05
N ALA B 124 -2.22 21.43 -11.34
CA ALA B 124 -2.56 22.80 -11.70
C ALA B 124 -2.03 23.14 -13.10
N LEU B 125 -0.77 22.78 -13.36
CA LEU B 125 -0.15 23.07 -14.65
C LEU B 125 -0.90 22.36 -15.80
N LEU B 126 -1.27 21.11 -15.57
CA LEU B 126 -1.70 20.25 -16.67
C LEU B 126 -3.22 20.04 -16.72
N GLY B 127 -3.97 20.79 -15.91
CA GLY B 127 -5.44 20.81 -16.04
C GLY B 127 -6.11 19.55 -15.51
N LEU B 128 -5.60 19.03 -14.41
CA LEU B 128 -6.19 17.89 -13.74
C LEU B 128 -6.79 18.30 -12.41
N LYS B 129 -7.87 17.64 -12.02
CA LYS B 129 -8.51 17.88 -10.72
CA LYS B 129 -8.50 17.88 -10.72
C LYS B 129 -7.90 16.95 -9.67
N CYS B 130 -7.23 17.51 -8.67
CA CYS B 130 -6.40 16.77 -7.73
C CYS B 130 -7.05 16.68 -6.37
N ARG B 131 -7.10 15.47 -5.85
CA ARG B 131 -7.46 15.23 -4.44
C ARG B 131 -6.37 14.44 -3.74
N ILE B 132 -6.06 14.88 -2.52
CA ILE B 132 -4.91 14.39 -1.78
C ILE B 132 -5.35 13.87 -0.42
N TYR B 133 -5.02 12.61 -0.14
CA TYR B 133 -5.28 12.03 1.17
C TYR B 133 -4.07 12.21 2.06
N MET B 134 -4.33 12.57 3.31
CA MET B 134 -3.26 12.87 4.27
C MET B 134 -3.75 12.49 5.65
N GLY B 135 -2.98 11.68 6.37
CA GLY B 135 -3.38 11.30 7.73
C GLY B 135 -3.64 12.55 8.57
N ALA B 136 -4.69 12.51 9.37
CA ALA B 136 -5.08 13.68 10.14
C ALA B 136 -3.95 14.20 11.06
N LYS B 137 -3.12 13.30 11.57
CA LYS B 137 -1.97 13.71 12.40
C LYS B 137 -0.97 14.50 11.54
N ASP B 138 -0.78 14.08 10.30
CA ASP B 138 0.09 14.83 9.39
C ASP B 138 -0.50 16.17 8.96
N VAL B 139 -1.80 16.20 8.69
CA VAL B 139 -2.48 17.46 8.40
C VAL B 139 -2.17 18.49 9.49
N GLU B 140 -2.34 18.07 10.76
CA GLU B 140 -2.10 18.95 11.91
C GLU B 140 -0.69 19.51 11.94
N ARG B 141 0.30 18.69 11.57
CA ARG B 141 1.72 19.08 11.72
C ARG B 141 2.39 19.66 10.48
N GLN B 142 1.66 19.68 9.37
CA GLN B 142 2.19 20.15 8.09
C GLN B 142 1.31 21.25 7.50
N SER B 143 0.93 22.22 8.32
CA SER B 143 0.09 23.32 7.83
CA SER B 143 0.10 23.34 7.84
C SER B 143 0.70 24.05 6.63
N PRO B 144 2.04 24.30 6.63
CA PRO B 144 2.55 24.98 5.43
C PRO B 144 2.27 24.22 4.12
N ASN B 145 2.56 22.92 4.10
CA ASN B 145 2.28 22.14 2.92
C ASN B 145 0.80 22.01 2.59
N VAL B 146 -0.03 21.87 3.61
CA VAL B 146 -1.47 21.78 3.37
C VAL B 146 -1.95 23.08 2.71
N PHE B 147 -1.44 24.21 3.18
CA PHE B 147 -1.84 25.48 2.59
C PHE B 147 -1.37 25.62 1.13
N ARG B 148 -0.14 25.18 0.84
CA ARG B 148 0.37 25.17 -0.54
C ARG B 148 -0.57 24.35 -1.43
N MET B 149 -0.91 23.14 -0.98
CA MET B 149 -1.81 22.30 -1.79
C MET B 149 -3.13 23.00 -2.11
N ARG B 150 -3.73 23.61 -1.08
CA ARG B 150 -5.00 24.33 -1.25
C ARG B 150 -4.85 25.57 -2.17
N LEU B 151 -3.73 26.29 -2.06
CA LEU B 151 -3.46 27.44 -2.94
C LEU B 151 -3.37 27.00 -4.42
N MET B 152 -2.87 25.81 -4.64
CA MET B 152 -2.75 25.27 -5.97
C MET B 152 -4.02 24.58 -6.48
N GLY B 153 -5.10 24.67 -5.68
CA GLY B 153 -6.41 24.18 -6.12
C GLY B 153 -6.74 22.72 -5.82
N ALA B 154 -5.86 22.04 -5.10
CA ALA B 154 -6.11 20.64 -4.71
C ALA B 154 -7.04 20.53 -3.50
N GLU B 155 -7.84 19.47 -3.45
CA GLU B 155 -8.67 19.11 -2.27
C GLU B 155 -7.82 18.26 -1.37
N VAL B 156 -7.69 18.64 -0.09
CA VAL B 156 -6.89 17.86 0.85
C VAL B 156 -7.91 17.21 1.79
N ILE B 157 -7.88 15.88 1.86
CA ILE B 157 -8.85 15.08 2.62
C ILE B 157 -8.12 14.41 3.77
N PRO B 158 -8.39 14.85 5.01
CA PRO B 158 -7.78 14.19 6.17
C PRO B 158 -8.25 12.75 6.36
N VAL B 159 -7.33 11.88 6.76
CA VAL B 159 -7.65 10.47 6.98
C VAL B 159 -7.54 10.18 8.47
N HIS B 160 -8.64 9.69 9.07
CA HIS B 160 -8.71 9.52 10.51
C HIS B 160 -8.61 8.09 10.94
N SER B 161 -8.62 7.17 9.98
CA SER B 161 -8.61 5.74 10.28
C SER B 161 -7.22 5.27 10.66
N GLY B 162 -7.14 4.09 11.29
CA GLY B 162 -5.87 3.48 11.64
C GLY B 162 -5.06 4.43 12.50
N SER B 163 -3.81 4.66 12.11
CA SER B 163 -2.92 5.53 12.89
C SER B 163 -2.98 7.01 12.46
N ALA B 164 -3.85 7.32 11.51
CA ALA B 164 -4.01 8.70 10.96
C ALA B 164 -2.68 9.30 10.47
N THR B 165 -1.86 8.46 9.83
CA THR B 165 -0.58 8.89 9.26
CA THR B 165 -0.60 8.90 9.27
C THR B 165 -0.45 8.35 7.85
N LEU B 166 0.77 8.35 7.32
CA LEU B 166 0.97 8.01 5.92
C LEU B 166 0.38 6.68 5.45
N LYS B 167 0.60 5.61 6.19
CA LYS B 167 0.11 4.31 5.68
C LYS B 167 -1.41 4.36 5.56
N ASP B 168 -2.08 5.09 6.45
CA ASP B 168 -3.53 5.16 6.41
C ASP B 168 -3.99 5.99 5.24
N ALA B 169 -3.22 7.01 4.88
CA ALA B 169 -3.49 7.77 3.65
C ALA B 169 -3.29 6.94 2.38
N CYS B 170 -2.26 6.06 2.40
CA CYS B 170 -2.03 5.12 1.31
C CYS B 170 -3.23 4.22 1.15
N ASN B 171 -3.73 3.68 2.26
CA ASN B 171 -4.92 2.83 2.17
C ASN B 171 -6.10 3.57 1.57
N GLU B 172 -6.31 4.81 2.02
CA GLU B 172 -7.48 5.57 1.58
C GLU B 172 -7.41 5.93 0.10
N ALA B 173 -6.22 6.26 -0.39
CA ALA B 173 -6.02 6.51 -1.81
C ALA B 173 -6.42 5.29 -2.63
N LEU B 174 -5.99 4.09 -2.19
CA LEU B 174 -6.37 2.85 -2.88
C LEU B 174 -7.84 2.54 -2.75
N ARG B 175 -8.46 2.82 -1.58
CA ARG B 175 -9.90 2.64 -1.44
C ARG B 175 -10.65 3.51 -2.44
N ASP B 176 -10.26 4.78 -2.57
CA ASP B 176 -10.90 5.69 -3.51
C ASP B 176 -10.70 5.15 -4.91
N TRP B 177 -9.46 4.83 -5.27
CA TRP B 177 -9.17 4.38 -6.62
C TRP B 177 -9.96 3.15 -7.00
N SER B 178 -10.19 2.23 -6.04
CA SER B 178 -10.90 0.99 -6.32
CA SER B 178 -10.94 0.99 -6.25
C SER B 178 -12.33 1.23 -6.77
N GLY B 179 -12.86 2.45 -6.56
CA GLY B 179 -14.17 2.82 -7.08
C GLY B 179 -14.14 3.91 -8.14
N SER B 180 -13.00 4.57 -8.34
CA SER B 180 -12.94 5.74 -9.23
C SER B 180 -11.96 5.61 -10.41
N TYR B 181 -11.33 4.46 -10.60
CA TYR B 181 -10.26 4.28 -11.57
CA TYR B 181 -10.23 4.40 -11.57
C TYR B 181 -10.69 4.60 -13.00
N GLU B 182 -12.01 4.53 -13.27
CA GLU B 182 -12.42 4.80 -14.64
C GLU B 182 -12.17 6.26 -15.05
N THR B 183 -12.11 7.15 -14.06
CA THR B 183 -11.90 8.59 -14.33
C THR B 183 -10.65 9.18 -13.66
N ALA B 184 -10.10 8.50 -12.65
CA ALA B 184 -8.98 9.05 -11.89
C ALA B 184 -7.75 8.18 -12.02
N HIS B 185 -6.59 8.83 -12.04
CA HIS B 185 -5.31 8.17 -11.91
C HIS B 185 -4.77 8.33 -10.51
N TYR B 186 -4.27 7.24 -9.93
CA TYR B 186 -3.62 7.31 -8.63
C TYR B 186 -2.11 7.64 -8.78
N MET B 187 -1.74 8.85 -8.38
CA MET B 187 -0.35 9.28 -8.55
CA MET B 187 -0.37 9.33 -8.53
C MET B 187 0.42 8.94 -7.29
N LEU B 188 0.91 7.70 -7.27
CA LEU B 188 1.63 7.18 -6.13
C LEU B 188 2.95 7.94 -5.97
N GLY B 189 3.36 8.20 -4.72
CA GLY B 189 4.47 9.10 -4.49
C GLY B 189 5.87 8.56 -4.31
N THR B 190 6.10 7.27 -4.47
CA THR B 190 7.44 6.74 -4.34
C THR B 190 7.56 5.49 -5.20
N ALA B 191 8.77 4.92 -5.22
CA ALA B 191 9.07 3.75 -6.07
C ALA B 191 8.70 2.46 -5.34
N ALA B 192 7.42 2.38 -4.97
CA ALA B 192 6.88 1.29 -4.15
C ALA B 192 5.43 1.07 -4.57
N GLY B 193 4.72 0.23 -3.84
CA GLY B 193 3.37 -0.11 -4.22
C GLY B 193 3.36 -1.21 -5.27
N PRO B 194 2.16 -1.48 -5.80
CA PRO B 194 2.03 -2.57 -6.76
C PRO B 194 2.65 -2.22 -8.09
N HIS B 195 3.15 -3.23 -8.82
CA HIS B 195 3.55 -3.03 -10.21
C HIS B 195 2.34 -2.44 -10.94
N PRO B 196 2.54 -1.42 -11.82
CA PRO B 196 3.84 -1.01 -12.37
C PRO B 196 4.50 0.16 -11.67
N TYR B 197 4.02 0.59 -10.51
CA TYR B 197 4.56 1.82 -9.92
C TYR B 197 6.07 1.84 -9.63
N PRO B 198 6.65 0.76 -9.06
CA PRO B 198 8.10 0.87 -8.79
C PRO B 198 8.88 1.09 -10.08
N THR B 199 8.45 0.46 -11.18
CA THR B 199 9.10 0.63 -12.47
C THR B 199 8.87 2.03 -13.03
N ILE B 200 7.62 2.47 -13.04
CA ILE B 200 7.29 3.80 -13.61
C ILE B 200 8.05 4.89 -12.86
N VAL B 201 8.05 4.85 -11.54
CA VAL B 201 8.68 5.90 -10.75
C VAL B 201 10.20 5.91 -10.97
N ARG B 202 10.81 4.72 -11.06
CA ARG B 202 12.24 4.67 -11.44
C ARG B 202 12.48 5.35 -12.77
N GLU B 203 11.70 4.94 -13.79
CA GLU B 203 11.96 5.48 -15.11
C GLU B 203 11.70 6.98 -15.20
N PHE B 204 10.78 7.53 -14.40
CA PHE B 204 10.52 8.95 -14.41
C PHE B 204 11.42 9.70 -13.43
N GLN B 205 12.35 9.01 -12.76
CA GLN B 205 13.37 9.66 -11.92
C GLN B 205 14.77 9.44 -12.46
N ARG B 206 14.91 8.61 -13.49
CA ARG B 206 16.26 8.12 -13.87
C ARG B 206 17.13 9.19 -14.49
N MET B 207 16.55 10.35 -14.80
CA MET B 207 17.35 11.46 -15.31
C MET B 207 18.30 11.98 -14.23
N ILE B 208 18.00 11.73 -12.96
CA ILE B 208 18.92 12.13 -11.90
C ILE B 208 20.30 11.49 -12.14
N GLY B 209 20.29 10.16 -12.24
CA GLY B 209 21.55 9.44 -12.47
C GLY B 209 22.13 9.64 -13.85
N GLU B 210 21.29 9.74 -14.88
CA GLU B 210 21.81 10.00 -16.24
C GLU B 210 22.57 11.32 -16.31
N GLU B 211 21.98 12.36 -15.72
CA GLU B 211 22.65 13.66 -15.72
C GLU B 211 23.93 13.59 -14.89
N THR B 212 23.83 12.96 -13.70
CA THR B 212 25.02 12.85 -12.82
C THR B 212 26.17 12.18 -13.56
N LYS B 213 25.87 11.12 -14.28
CA LYS B 213 26.91 10.42 -15.01
C LYS B 213 27.58 11.36 -16.05
N ALA B 214 26.76 12.10 -16.81
CA ALA B 214 27.32 12.97 -17.86
C ALA B 214 28.13 14.10 -17.20
N GLN B 215 27.62 14.62 -16.09
CA GLN B 215 28.27 15.72 -15.38
C GLN B 215 29.60 15.31 -14.73
N ILE B 216 29.60 14.15 -14.09
CA ILE B 216 30.84 13.69 -13.48
C ILE B 216 31.86 13.30 -14.54
N LEU B 217 31.42 12.72 -15.64
CA LEU B 217 32.37 12.41 -16.73
C LEU B 217 33.02 13.71 -17.26
N ASP B 218 32.20 14.74 -17.43
CA ASP B 218 32.66 16.03 -17.88
C ASP B 218 33.68 16.66 -16.93
N LYS B 219 33.42 16.58 -15.61
CA LYS B 219 34.25 17.27 -14.63
CA LYS B 219 34.23 17.27 -14.60
CA LYS B 219 34.25 17.28 -14.64
CA LYS B 219 34.25 17.29 -14.65
C LYS B 219 35.46 16.48 -14.15
N GLU B 220 35.31 15.16 -14.10
CA GLU B 220 36.35 14.30 -13.52
C GLU B 220 36.93 13.29 -14.50
N GLY B 221 36.27 13.07 -15.64
CA GLY B 221 36.76 12.11 -16.64
C GLY B 221 36.61 10.67 -16.27
N ARG B 222 35.75 10.37 -15.29
CA ARG B 222 35.54 9.00 -14.81
CA ARG B 222 35.58 9.01 -14.76
C ARG B 222 34.27 8.95 -13.99
N LEU B 223 33.80 7.74 -13.72
CA LEU B 223 32.60 7.54 -12.93
C LEU B 223 32.90 7.69 -11.45
N PRO B 224 31.86 7.90 -10.64
CA PRO B 224 32.08 7.97 -9.19
C PRO B 224 32.50 6.64 -8.62
N ASP B 225 33.23 6.68 -7.50
CA ASP B 225 33.41 5.47 -6.73
C ASP B 225 32.12 5.01 -6.07
N ALA B 226 31.26 5.94 -5.65
CA ALA B 226 29.96 5.57 -5.06
C ALA B 226 29.03 6.74 -5.20
N VAL B 227 27.75 6.39 -5.36
CA VAL B 227 26.65 7.36 -5.31
C VAL B 227 25.79 6.98 -4.09
N ILE B 228 25.37 8.01 -3.35
CA ILE B 228 24.77 7.84 -2.02
C ILE B 228 23.46 8.59 -1.98
N ALA B 229 22.39 7.94 -1.50
CA ALA B 229 21.09 8.59 -1.53
C ALA B 229 20.29 8.09 -0.35
N CYS B 230 19.47 8.96 0.26
CA CYS B 230 18.55 8.55 1.34
C CYS B 230 17.41 7.72 0.75
N VAL B 231 16.81 6.90 1.61
CA VAL B 231 15.77 5.97 1.21
C VAL B 231 14.58 6.09 2.16
N GLY B 232 13.50 6.71 1.65
CA GLY B 232 12.19 6.74 2.34
C GLY B 232 11.42 5.59 1.75
N GLY B 233 10.76 5.80 0.64
CA GLY B 233 10.21 4.72 -0.18
C GLY B 233 11.13 4.25 -1.28
N GLY B 234 12.10 5.09 -1.68
CA GLY B 234 13.10 4.66 -2.65
C GLY B 234 13.19 5.42 -3.93
N SER B 235 12.35 6.44 -4.16
CA SER B 235 12.38 7.09 -5.49
CA SER B 235 12.36 7.11 -5.48
C SER B 235 13.63 7.89 -5.83
N ASN B 236 14.10 8.76 -4.94
CA ASN B 236 15.28 9.53 -5.33
C ASN B 236 16.49 8.61 -5.45
N ALA B 237 16.54 7.61 -4.59
CA ALA B 237 17.70 6.71 -4.62
C ALA B 237 17.69 5.87 -5.88
N ILE B 238 16.54 5.31 -6.26
CA ILE B 238 16.54 4.50 -7.49
C ILE B 238 16.74 5.41 -8.73
N GLY B 239 16.30 6.66 -8.64
CA GLY B 239 16.53 7.62 -9.74
C GLY B 239 18.02 7.91 -9.93
N MET B 240 18.75 8.05 -8.81
CA MET B 240 20.19 8.21 -8.89
C MET B 240 20.86 6.90 -9.34
N PHE B 241 20.43 5.76 -8.76
CA PHE B 241 21.13 4.51 -9.01
C PHE B 241 20.93 3.95 -10.42
N ALA B 242 19.74 4.16 -11.03
CA ALA B 242 19.38 3.31 -12.17
C ALA B 242 20.40 3.29 -13.27
N ASP B 243 20.86 4.46 -13.70
CA ASP B 243 21.78 4.51 -14.83
C ASP B 243 23.16 3.98 -14.50
N PHE B 244 23.46 3.76 -13.22
CA PHE B 244 24.74 3.19 -12.77
C PHE B 244 24.69 1.69 -12.49
N ILE B 245 23.50 1.07 -12.51
CA ILE B 245 23.41 -0.32 -12.09
C ILE B 245 24.36 -1.19 -12.91
N ASN B 246 24.46 -0.93 -14.20
CA ASN B 246 25.32 -1.76 -15.08
C ASN B 246 26.80 -1.33 -15.09
N ASP B 247 27.13 -0.26 -14.37
CA ASP B 247 28.54 0.16 -14.19
C ASP B 247 29.03 -0.47 -12.92
N THR B 248 29.58 -1.68 -13.05
CA THR B 248 29.75 -2.52 -11.86
C THR B 248 30.74 -1.96 -10.84
N SER B 249 31.63 -1.05 -11.26
CA SER B 249 32.59 -0.42 -10.35
C SER B 249 31.99 0.67 -9.48
N VAL B 250 30.77 1.12 -9.81
CA VAL B 250 30.19 2.24 -9.10
C VAL B 250 29.38 1.71 -7.91
N GLY B 251 29.78 2.06 -6.69
CA GLY B 251 29.04 1.64 -5.53
C GLY B 251 27.69 2.37 -5.45
N LEU B 252 26.68 1.66 -4.97
CA LEU B 252 25.35 2.23 -4.77
C LEU B 252 25.06 2.08 -3.30
N ILE B 253 24.90 3.20 -2.62
CA ILE B 253 24.68 3.20 -1.18
C ILE B 253 23.39 3.90 -0.82
N GLY B 254 22.45 3.15 -0.22
CA GLY B 254 21.18 3.73 0.22
C GLY B 254 21.18 3.91 1.72
N VAL B 255 20.65 5.04 2.17
CA VAL B 255 20.70 5.39 3.59
C VAL B 255 19.29 5.48 4.17
N GLU B 256 18.93 4.53 5.04
CA GLU B 256 17.63 4.55 5.73
C GLU B 256 17.76 5.37 7.00
N PRO B 257 16.65 5.94 7.51
CA PRO B 257 16.72 6.69 8.77
C PRO B 257 16.84 5.74 9.96
N GLY B 258 17.86 6.00 10.77
CA GLY B 258 18.07 5.29 12.01
C GLY B 258 17.32 5.85 13.20
N GLY B 259 16.67 7.00 13.01
CA GLY B 259 15.86 7.61 14.09
C GLY B 259 16.66 7.85 15.36
N HIS B 260 16.16 7.36 16.50
CA HIS B 260 16.86 7.48 17.76
C HIS B 260 17.94 6.44 17.95
N GLY B 261 18.07 5.56 16.98
CA GLY B 261 19.04 4.47 17.04
C GLY B 261 18.34 3.16 16.71
N ILE B 262 18.95 2.29 15.91
CA ILE B 262 18.32 1.02 15.58
C ILE B 262 17.92 0.25 16.83
N GLU B 263 18.80 0.23 17.83
CA GLU B 263 18.58 -0.57 19.02
C GLU B 263 17.34 -0.11 19.82
N THR B 264 16.88 1.13 19.61
CA THR B 264 15.70 1.66 20.30
C THR B 264 14.40 1.17 19.67
N GLY B 265 14.47 0.62 18.46
CA GLY B 265 13.28 0.32 17.70
C GLY B 265 12.59 1.53 17.08
N GLU B 266 13.05 2.74 17.42
CA GLU B 266 12.44 3.96 16.91
CA GLU B 266 12.46 3.98 16.91
C GLU B 266 13.25 4.44 15.71
N HIS B 267 12.91 3.89 14.55
CA HIS B 267 13.68 4.10 13.31
C HIS B 267 12.79 3.90 12.13
N GLY B 268 13.34 4.06 10.93
CA GLY B 268 12.61 3.80 9.70
C GLY B 268 13.46 3.01 8.76
N ALA B 269 14.06 1.92 9.24
CA ALA B 269 15.02 1.18 8.41
C ALA B 269 14.54 -0.26 8.20
N PRO B 270 13.39 -0.43 7.52
CA PRO B 270 12.90 -1.78 7.32
C PRO B 270 13.76 -2.63 6.41
N LEU B 271 14.48 -2.05 5.44
CA LEU B 271 15.24 -2.89 4.54
CA LEU B 271 15.25 -2.87 4.54
C LEU B 271 16.27 -3.70 5.31
N LYS B 272 16.97 -3.06 6.26
CA LYS B 272 18.01 -3.79 6.97
C LYS B 272 17.52 -4.34 8.32
N HIS B 273 16.42 -3.81 8.88
CA HIS B 273 15.98 -4.14 10.23
C HIS B 273 14.52 -4.46 10.38
N GLY B 274 13.80 -4.58 9.27
CA GLY B 274 12.42 -5.03 9.27
C GLY B 274 12.32 -6.50 8.89
N ARG B 275 11.14 -6.89 8.43
CA ARG B 275 10.84 -8.26 8.08
C ARG B 275 10.00 -8.23 6.82
N VAL B 276 10.26 -9.10 5.85
CA VAL B 276 9.42 -9.12 4.64
CA VAL B 276 9.43 -9.14 4.63
C VAL B 276 7.96 -9.36 4.97
N GLY B 277 7.08 -8.59 4.31
CA GLY B 277 5.65 -8.73 4.47
C GLY B 277 4.98 -8.40 3.15
N ILE B 278 3.65 -8.40 3.19
CA ILE B 278 2.88 -8.02 2.01
C ILE B 278 1.92 -6.92 2.43
N TYR B 279 2.11 -5.74 1.86
CA TYR B 279 1.25 -4.60 2.18
C TYR B 279 1.46 -3.54 1.14
N PHE B 280 0.45 -2.68 0.99
CA PHE B 280 0.45 -1.63 -0.03
C PHE B 280 0.77 -2.17 -1.41
N GLY B 281 0.26 -3.36 -1.71
CA GLY B 281 0.37 -3.86 -3.04
C GLY B 281 1.64 -4.59 -3.36
N MET B 282 2.54 -4.74 -2.38
CA MET B 282 3.86 -5.31 -2.68
C MET B 282 4.35 -6.25 -1.59
N LYS B 283 5.21 -7.17 -1.99
CA LYS B 283 6.01 -7.96 -1.08
C LYS B 283 7.36 -7.26 -0.91
N ALA B 284 7.66 -6.82 0.30
CA ALA B 284 8.86 -6.03 0.57
C ALA B 284 9.15 -6.04 2.06
N PRO B 285 10.38 -5.72 2.48
CA PRO B 285 10.64 -5.54 3.91
C PRO B 285 9.76 -4.44 4.51
N MET B 286 9.22 -4.67 5.71
CA MET B 286 8.49 -3.60 6.32
CA MET B 286 8.20 -3.82 6.38
C MET B 286 8.57 -3.57 7.83
N MET B 287 8.13 -2.43 8.38
CA MET B 287 7.99 -2.25 9.82
CA MET B 287 7.99 -2.20 9.82
C MET B 287 6.67 -2.90 10.22
N GLN B 288 6.76 -3.94 11.03
CA GLN B 288 5.54 -4.66 11.43
C GLN B 288 5.70 -5.27 12.81
N THR B 289 4.58 -5.51 13.49
CA THR B 289 4.64 -6.17 14.78
C THR B 289 4.91 -7.67 14.59
N ALA B 290 5.13 -8.37 15.70
CA ALA B 290 5.34 -9.82 15.69
C ALA B 290 4.20 -10.55 14.98
N ASP B 291 2.97 -10.04 15.13
CA ASP B 291 1.76 -10.67 14.59
C ASP B 291 1.51 -10.30 13.15
N GLY B 292 2.23 -9.30 12.65
CA GLY B 292 2.03 -8.86 11.26
C GLY B 292 1.15 -7.62 11.07
N GLN B 293 0.94 -6.85 12.14
CA GLN B 293 0.28 -5.54 11.98
C GLN B 293 1.32 -4.54 11.47
N ILE B 294 0.93 -3.65 10.57
CA ILE B 294 1.90 -2.68 10.02
C ILE B 294 2.14 -1.58 11.04
N GLU B 295 3.43 -1.42 11.39
N GLU B 295 3.39 -1.09 11.08
CA GLU B 295 3.89 -0.63 12.52
CA GLU B 295 3.73 0.05 11.92
C GLU B 295 4.24 0.75 12.06
C GLU B 295 4.29 1.24 11.14
N GLU B 296 4.33 1.68 13.00
N GLU B 296 4.42 2.34 11.85
CA GLU B 296 4.81 2.99 12.62
CA GLU B 296 5.01 3.56 11.30
C GLU B 296 6.31 3.05 12.70
C GLU B 296 6.54 3.50 11.31
N SER B 297 6.86 3.77 11.73
N SER B 297 7.18 4.22 10.40
CA SER B 297 8.27 4.04 11.68
CA SER B 297 8.59 4.53 10.53
C SER B 297 8.49 5.36 12.38
C SER B 297 8.73 5.79 11.40
N TYR B 298 9.72 5.82 12.32
CA TYR B 298 10.11 7.07 13.00
C TYR B 298 11.41 7.63 12.37
N SER B 299 11.42 8.93 12.08
CA SER B 299 12.63 9.68 11.81
C SER B 299 12.38 11.14 12.17
N ILE B 300 13.44 11.86 12.55
CA ILE B 300 13.35 13.31 12.62
C ILE B 300 12.85 13.92 11.33
N SER B 301 13.17 13.29 10.20
CA SER B 301 12.70 13.79 8.91
CA SER B 301 12.71 13.78 8.92
C SER B 301 11.40 13.10 8.50
N ALA B 302 10.33 13.88 8.45
CA ALA B 302 9.01 13.36 8.12
C ALA B 302 9.00 12.69 6.76
N GLY B 303 9.84 13.13 5.86
CA GLY B 303 9.80 12.59 4.53
C GLY B 303 10.37 11.18 4.40
N LEU B 304 11.15 10.71 5.39
N LEU B 304 10.99 10.67 5.46
CA LEU B 304 11.77 9.38 5.35
CA LEU B 304 11.45 9.29 5.48
C LEU B 304 11.01 8.36 6.19
C LEU B 304 10.47 8.40 6.24
N ASP B 305 9.99 8.85 6.90
N ASP B 305 9.18 8.75 6.20
CA ASP B 305 9.26 8.10 7.92
CA ASP B 305 8.11 8.07 6.95
C ASP B 305 8.20 7.20 7.32
C ASP B 305 7.46 6.85 6.29
N PHE B 306 8.63 6.08 6.76
N PHE B 306 7.76 6.57 5.05
CA PHE B 306 7.76 5.19 6.01
CA PHE B 306 7.17 5.40 4.41
C PHE B 306 8.15 3.79 6.38
C PHE B 306 7.60 4.13 5.15
N PRO B 307 7.15 2.95 6.60
N PRO B 307 6.64 3.29 5.63
CA PRO B 307 7.36 1.64 7.11
CA PRO B 307 6.99 2.19 6.60
C PRO B 307 7.63 0.58 6.04
C PRO B 307 7.63 0.88 6.04
N SER B 308 7.89 0.93 4.77
CA SER B 308 8.45 -0.14 3.94
C SER B 308 9.50 0.48 3.06
N VAL B 309 9.78 -0.18 1.94
CA VAL B 309 10.80 0.26 0.98
C VAL B 309 10.47 -0.33 -0.37
N GLY B 310 10.86 0.35 -1.43
CA GLY B 310 10.57 -0.16 -2.75
C GLY B 310 11.24 -1.52 -3.02
N PRO B 311 10.56 -2.34 -3.81
CA PRO B 311 11.02 -3.70 -3.96
C PRO B 311 12.34 -3.81 -4.74
N GLN B 312 12.62 -2.85 -5.60
CA GLN B 312 13.87 -2.91 -6.35
C GLN B 312 15.07 -2.73 -5.40
N HIS B 313 14.91 -1.91 -4.34
CA HIS B 313 15.98 -1.78 -3.34
C HIS B 313 16.17 -3.08 -2.61
N ALA B 314 15.08 -3.73 -2.18
CA ALA B 314 15.23 -5.01 -1.51
C ALA B 314 15.97 -6.00 -2.39
N TYR B 315 15.69 -5.99 -3.69
CA TYR B 315 16.33 -6.87 -4.65
C TYR B 315 17.82 -6.53 -4.81
N LEU B 316 18.13 -5.25 -5.05
CA LEU B 316 19.52 -4.86 -5.22
C LEU B 316 20.35 -5.20 -3.97
N ASN B 317 19.74 -5.05 -2.79
CA ASN B 317 20.40 -5.48 -1.57
C ASN B 317 20.65 -6.98 -1.58
N SER B 318 19.62 -7.76 -1.92
CA SER B 318 19.73 -9.22 -1.82
CA SER B 318 19.71 -9.21 -1.84
C SER B 318 20.87 -9.79 -2.69
N ILE B 319 21.09 -9.20 -3.86
CA ILE B 319 22.14 -9.67 -4.77
C ILE B 319 23.48 -8.97 -4.51
N GLY B 320 23.51 -8.04 -3.55
CA GLY B 320 24.76 -7.36 -3.21
C GLY B 320 25.13 -6.21 -4.13
N ARG B 321 24.26 -5.84 -5.08
CA ARG B 321 24.59 -4.76 -5.99
C ARG B 321 24.57 -3.39 -5.30
N ALA B 322 23.70 -3.22 -4.33
CA ALA B 322 23.63 -2.00 -3.50
C ALA B 322 23.79 -2.38 -2.05
N ASP B 323 24.42 -1.49 -1.29
CA ASP B 323 24.54 -1.64 0.15
C ASP B 323 23.67 -0.60 0.83
N TYR B 324 23.05 -0.99 1.95
CA TYR B 324 22.17 -0.09 2.69
C TYR B 324 22.67 0.04 4.11
N VAL B 325 22.66 1.27 4.59
CA VAL B 325 23.14 1.65 5.91
C VAL B 325 22.08 2.54 6.54
N SER B 326 22.31 2.96 7.76
CA SER B 326 21.41 3.88 8.43
C SER B 326 22.17 5.03 9.07
N ILE B 327 21.46 6.12 9.28
CA ILE B 327 22.00 7.34 9.88
C ILE B 327 20.99 7.83 10.91
N THR B 328 21.43 8.17 12.10
CA THR B 328 20.50 8.58 13.16
C THR B 328 20.10 10.04 13.00
N ASP B 329 19.06 10.41 13.76
CA ASP B 329 18.64 11.79 13.81
C ASP B 329 19.82 12.72 14.09
N ASP B 330 20.64 12.40 15.10
CA ASP B 330 21.73 13.31 15.45
C ASP B 330 22.78 13.43 14.37
N GLU B 331 23.07 12.31 13.72
CA GLU B 331 23.99 12.35 12.58
C GLU B 331 23.44 13.22 11.45
N ALA B 332 22.15 13.08 11.14
CA ALA B 332 21.56 13.88 10.09
C ALA B 332 21.58 15.37 10.47
N LEU B 333 21.27 15.69 11.75
CA LEU B 333 21.31 17.08 12.16
C LEU B 333 22.70 17.70 12.03
N GLU B 334 23.73 16.93 12.37
CA GLU B 334 25.09 17.47 12.25
C GLU B 334 25.45 17.72 10.78
N ALA B 335 25.02 16.84 9.88
CA ALA B 335 25.30 17.04 8.46
C ALA B 335 24.57 18.29 7.95
N PHE B 336 23.32 18.48 8.37
CA PHE B 336 22.55 19.66 8.00
C PHE B 336 23.32 20.94 8.36
N LYS B 337 23.77 21.00 9.62
CA LYS B 337 24.49 22.17 10.12
C LYS B 337 25.79 22.39 9.36
N THR B 338 26.51 21.30 9.12
CA THR B 338 27.80 21.34 8.40
C THR B 338 27.65 21.85 6.97
N LEU B 339 26.62 21.41 6.25
CA LEU B 339 26.47 21.87 4.86
C LEU B 339 26.09 23.36 4.85
N CYS B 340 25.23 23.78 5.77
CA CYS B 340 24.83 25.20 5.86
CA CYS B 340 24.86 25.18 5.82
C CYS B 340 26.10 26.06 6.04
N ARG B 341 26.94 25.66 6.98
CA ARG B 341 28.02 26.51 7.45
CA ARG B 341 28.06 26.47 7.46
C ARG B 341 29.22 26.49 6.50
N HIS B 342 29.44 25.36 5.83
CA HIS B 342 30.62 25.23 4.99
C HIS B 342 30.39 25.37 3.51
N GLU B 343 29.13 25.24 3.07
CA GLU B 343 28.83 25.32 1.64
C GLU B 343 27.71 26.30 1.32
N GLY B 344 27.06 26.86 2.32
CA GLY B 344 25.95 27.79 2.05
C GLY B 344 24.72 27.14 1.40
N ILE B 345 24.55 25.83 1.62
CA ILE B 345 23.40 25.12 1.08
C ILE B 345 22.61 24.57 2.23
N ILE B 346 21.30 24.83 2.30
CA ILE B 346 20.44 24.30 3.37
C ILE B 346 19.80 23.02 2.81
N PRO B 347 20.21 21.86 3.30
CA PRO B 347 19.69 20.61 2.72
C PRO B 347 18.43 20.16 3.45
N ALA B 348 17.53 19.47 2.73
CA ALA B 348 16.44 18.78 3.42
C ALA B 348 16.99 17.84 4.50
N LEU B 349 16.26 17.69 5.61
CA LEU B 349 16.68 16.69 6.60
C LEU B 349 16.72 15.28 6.01
N GLU B 350 15.86 14.97 5.05
CA GLU B 350 15.91 13.67 4.38
C GLU B 350 17.31 13.48 3.74
N SER B 351 17.69 14.44 2.89
CA SER B 351 18.94 14.42 2.13
C SER B 351 20.15 14.44 3.07
N SER B 352 19.97 15.11 4.22
CA SER B 352 21.02 15.20 5.24
C SER B 352 21.42 13.82 5.71
N HIS B 353 20.54 12.82 5.63
CA HIS B 353 20.94 11.44 5.94
C HIS B 353 21.96 10.93 4.95
N ALA B 354 21.76 11.17 3.66
CA ALA B 354 22.73 10.77 2.65
C ALA B 354 24.06 11.50 2.88
N LEU B 355 23.98 12.82 3.11
CA LEU B 355 25.20 13.56 3.33
C LEU B 355 25.94 13.07 4.56
N ALA B 356 25.21 12.79 5.64
CA ALA B 356 25.85 12.31 6.88
C ALA B 356 26.62 11.02 6.63
N HIS B 357 26.07 10.13 5.81
CA HIS B 357 26.82 8.90 5.55
C HIS B 357 28.08 9.17 4.71
N ALA B 358 28.02 10.08 3.73
CA ALA B 358 29.21 10.45 2.97
C ALA B 358 30.25 11.08 3.93
N LEU B 359 29.82 11.95 4.84
CA LEU B 359 30.77 12.53 5.78
C LEU B 359 31.43 11.47 6.64
N LYS B 360 30.68 10.45 7.03
CA LYS B 360 31.26 9.32 7.78
CA LYS B 360 31.26 9.34 7.78
C LYS B 360 32.27 8.57 6.92
N MET B 361 31.92 8.32 5.67
CA MET B 361 32.86 7.63 4.77
C MET B 361 34.21 8.37 4.70
N MET B 362 34.12 9.69 4.60
CA MET B 362 35.30 10.55 4.55
C MET B 362 36.03 10.53 5.91
N ARG B 363 35.31 10.83 7.00
CA ARG B 363 35.96 11.01 8.29
C ARG B 363 36.55 9.73 8.82
N GLU B 364 35.93 8.59 8.56
CA GLU B 364 36.40 7.35 9.12
C GLU B 364 37.73 6.94 8.45
N GLN B 365 37.88 7.29 7.18
CA GLN B 365 39.03 6.84 6.36
C GLN B 365 39.51 8.04 5.52
N PRO B 366 40.11 9.04 6.21
CA PRO B 366 40.34 10.33 5.54
C PRO B 366 41.46 10.32 4.52
N GLU B 367 42.25 9.25 4.49
CA GLU B 367 43.29 9.11 3.48
CA GLU B 367 43.28 9.11 3.46
C GLU B 367 42.88 8.13 2.39
N LYS B 368 41.61 7.69 2.40
CA LYS B 368 41.08 6.87 1.30
C LYS B 368 40.73 7.75 0.10
N GLU B 369 41.31 7.48 -1.06
CA GLU B 369 40.91 8.24 -2.26
CA GLU B 369 40.94 8.18 -2.31
C GLU B 369 39.53 7.76 -2.71
N GLN B 370 38.58 8.69 -2.73
CA GLN B 370 37.23 8.32 -3.13
C GLN B 370 36.50 9.51 -3.74
N LEU B 371 35.84 9.26 -4.88
CA LEU B 371 35.02 10.25 -5.60
C LEU B 371 33.55 9.90 -5.33
N LEU B 372 32.86 10.74 -4.55
CA LEU B 372 31.53 10.44 -4.08
C LEU B 372 30.53 11.43 -4.63
N VAL B 373 29.33 10.95 -4.98
CA VAL B 373 28.19 11.84 -5.27
C VAL B 373 27.08 11.57 -4.28
N VAL B 374 26.65 12.61 -3.59
CA VAL B 374 25.44 12.52 -2.73
C VAL B 374 24.28 13.11 -3.54
N ASN B 375 23.15 12.40 -3.55
CA ASN B 375 21.95 12.96 -4.15
C ASN B 375 21.32 13.93 -3.17
N LEU B 376 21.37 15.23 -3.44
CA LEU B 376 20.77 16.20 -2.52
C LEU B 376 19.32 16.34 -2.96
N SER B 377 18.50 15.44 -2.42
CA SER B 377 17.12 15.25 -2.88
C SER B 377 16.25 16.48 -2.72
N GLY B 378 16.51 17.31 -1.72
CA GLY B 378 15.66 18.49 -1.52
C GLY B 378 16.34 19.55 -0.73
N ARG B 379 15.71 20.72 -0.70
CA ARG B 379 16.19 21.82 0.14
CA ARG B 379 16.14 21.87 0.11
C ARG B 379 15.52 21.81 1.51
N GLY B 380 16.16 22.46 2.46
CA GLY B 380 15.79 22.34 3.85
C GLY B 380 15.14 23.53 4.49
N ASP B 381 14.65 24.47 3.69
CA ASP B 381 13.87 25.62 4.24
C ASP B 381 12.76 25.14 5.16
N LYS B 382 12.08 24.05 4.76
CA LYS B 382 10.97 23.48 5.51
C LYS B 382 11.41 22.97 6.89
N ASP B 383 12.71 22.74 7.06
CA ASP B 383 13.23 22.11 8.27
C ASP B 383 13.84 23.08 9.28
N ILE B 384 13.92 24.38 8.96
CA ILE B 384 14.73 25.29 9.80
C ILE B 384 14.18 25.39 11.23
N PHE B 385 12.86 25.30 11.38
CA PHE B 385 12.23 25.37 12.69
C PHE B 385 12.36 24.05 13.44
N THR B 386 12.26 22.92 12.74
CA THR B 386 12.56 21.62 13.36
C THR B 386 13.97 21.66 13.92
N VAL B 387 14.92 22.17 13.12
CA VAL B 387 16.32 22.23 13.53
C VAL B 387 16.50 23.28 14.65
N HIS B 388 15.83 24.42 14.51
CA HIS B 388 15.77 25.47 15.56
C HIS B 388 15.31 24.96 16.88
N ASP B 389 14.19 24.23 16.87
CA ASP B 389 13.56 23.77 18.10
C ASP B 389 14.41 22.75 18.86
N ILE B 390 15.30 22.05 18.16
CA ILE B 390 16.21 21.11 18.82
C ILE B 390 17.48 21.78 19.31
N LEU B 391 18.03 22.66 18.47
CA LEU B 391 19.20 23.44 18.83
C LEU B 391 18.88 24.47 19.90
N LYS B 392 17.60 24.83 20.03
CA LYS B 392 17.13 25.66 21.13
C LYS B 392 17.17 24.86 22.43
N ALA B 393 16.70 23.61 22.37
CA ALA B 393 16.74 22.70 23.51
C ALA B 393 18.15 22.16 23.82
N ARG B 394 19.17 22.78 23.23
CA ARG B 394 20.57 22.39 23.42
C ARG B 394 21.44 23.58 23.82
C1 F9F C . -13.53 -8.11 0.23
C2 F9F C . -13.77 -7.48 1.43
C3 F9F C . -14.71 -8.02 2.33
C4 F9F C . -15.43 -9.19 2.03
C5 F9F C . -15.16 -9.79 0.76
C6 F9F C . -14.22 -9.27 -0.11
O7 F9F C . -12.59 -7.49 -0.60
C8 F9F C . -12.20 -8.04 -1.82
F9F F9F C . -11.31 -7.22 -2.30
F10 F9F C . -11.69 -9.24 -1.62
F11 F9F C . -13.24 -8.13 -2.65
S12 F9F C . -16.57 -9.81 3.08
N13 F9F C . -17.42 -8.59 3.65
C14 F9F C . -18.17 -7.86 2.62
C15 F9F C . -19.22 -7.01 3.25
O16 F9F C . -19.67 -6.05 2.28
P17 F9F C . -20.67 -4.92 2.85
O18 F9F C . -20.75 -3.91 1.73
O19 F9F C . -21.96 -5.66 3.13
O20 F9F C . -20.00 -4.37 4.13
O21 F9F C . -15.93 -10.45 4.20
O22 F9F C . -17.46 -10.66 2.32
N1 BCN D . -30.58 -2.02 27.95
C1 BCN D . -29.28 -2.58 28.37
C2 BCN D . -28.75 -3.44 27.25
O21 BCN D . -29.25 -3.34 26.09
O22 BCN D . -27.81 -4.24 27.49
C3 BCN D . -31.66 -2.50 28.82
C4 BCN D . -32.79 -3.09 28.00
O4 BCN D . -32.29 -4.13 27.13
C5 BCN D . -30.53 -0.54 27.99
C6 BCN D . -30.80 0.06 26.61
O6 BCN D . -32.02 -0.48 26.05
CL CL E . -33.82 -2.28 9.76
CS CS F . -37.68 -14.93 -1.92
C1 PGE G . 1.80 -14.77 -3.09
O1 PGE G . 2.05 -14.72 -4.46
C2 PGE G . 3.13 -14.52 -2.45
O2 PGE G . 3.38 -15.34 -1.32
C3 PGE G . 4.75 -15.86 -1.32
C4 PGE G . 4.98 -17.35 -1.05
O4 PGE G . 4.32 -21.28 0.52
C6 PGE G . 4.53 -20.02 -0.15
C5 PGE G . 5.36 -19.04 0.70
O3 PGE G . 5.10 -17.65 0.36
C1 PG5 H . -14.67 -20.03 -7.55
O1 PG5 H . -14.98 -21.46 -7.44
C2 PG5 H . -14.80 -22.47 -8.48
C3 PG5 H . -14.70 -23.89 -7.89
O2 PG5 H . -14.50 -25.02 -8.77
C4 PG5 H . -13.17 -25.59 -8.90
C5 PG5 H . -13.00 -26.35 -10.24
O3 PG5 H . -13.93 -26.02 -11.32
C6 PG5 H . -13.32 -26.04 -12.64
C7 PG5 H . -13.77 -24.86 -13.52
O4 PG5 H . -13.11 -24.77 -14.79
C8 PG5 H . -12.80 -23.44 -15.23
C1 EDO I . -19.40 -33.11 15.05
O1 EDO I . -20.78 -33.46 14.96
C2 EDO I . -18.47 -34.32 14.95
O2 EDO I . -17.21 -33.95 15.53
C1 EDO J . -24.24 -32.57 12.74
O1 EDO J . -25.03 -31.60 13.44
C2 EDO J . -22.86 -32.50 13.36
O2 EDO J . -21.79 -32.82 12.47
C1 EDO K . -12.00 -24.64 21.60
O1 EDO K . -12.39 -23.91 22.75
C2 EDO K . -10.59 -25.16 21.75
O2 EDO K . -10.49 -26.44 21.12
N1 PLP L . 14.05 13.48 0.07
C2 PLP L . 13.25 14.48 -0.09
C2A PLP L . 13.71 15.88 -0.19
C3 PLP L . 11.85 14.21 -0.17
O3 PLP L . 11.01 15.21 -0.39
C4 PLP L . 11.37 12.86 -0.06
C4A PLP L . 9.93 12.55 -0.24
C5 PLP L . 12.40 11.83 0.12
C6 PLP L . 13.71 12.22 0.21
C5A PLP L . 12.06 10.41 0.40
O4P PLP L . 11.27 9.78 -0.57
P PLP L . 12.00 8.78 -1.65
O1P PLP L . 10.83 8.21 -2.48
O2P PLP L . 12.94 9.62 -2.54
O3P PLP L . 12.75 7.72 -0.87
C1 EDO M . 5.82 12.67 0.65
O1 EDO M . 5.97 14.05 0.79
C2 EDO M . 4.40 12.42 1.00
O2 EDO M . 4.08 13.26 2.11
C1 PGE N . 19.95 -7.93 6.15
O1 PGE N . 19.60 -7.23 7.34
C2 PGE N . 19.53 -7.19 4.88
O2 PGE N . 18.16 -7.53 4.71
C3 PGE N . 17.73 -8.80 5.25
C4 PGE N . 16.87 -8.75 6.51
O4 PGE N . 16.00 -6.99 3.93
C6 PGE N . 14.85 -6.94 4.76
C5 PGE N . 14.91 -7.51 6.18
O3 PGE N . 16.23 -7.48 6.69
CL CL O . 40.26 18.77 8.16
N1 BCN P . 22.13 8.68 19.81
C1 BCN P . 20.84 9.10 19.22
C2 BCN P . 21.10 9.69 17.85
O21 BCN P . 20.17 10.34 17.20
O22 BCN P . 22.28 9.46 17.44
C3 BCN P . 22.57 9.74 20.75
C4 BCN P . 24.07 9.65 21.08
O4 BCN P . 24.85 9.62 19.87
C5 BCN P . 21.98 7.41 20.53
C6 BCN P . 21.82 6.24 19.56
O6 BCN P . 22.96 6.15 18.73
N1 BCN Q . 29.55 -3.00 -4.83
C1 BCN Q . 29.35 -4.46 -4.65
C2 BCN Q . 28.61 -5.01 -5.85
O21 BCN Q . 28.07 -4.20 -6.61
O22 BCN Q . 28.51 -6.25 -6.03
C3 BCN Q . 29.29 -2.20 -3.61
C4 BCN Q . 27.81 -1.83 -3.46
O4 BCN Q . 27.39 -1.17 -4.65
C5 BCN Q . 30.94 -2.80 -5.27
C6 BCN Q . 31.13 -1.53 -6.10
O6 BCN Q . 30.04 -1.47 -7.02
N1 BCN R . 1.57 -8.40 20.14
C1 BCN R . 0.62 -7.78 19.21
C2 BCN R . 1.19 -7.71 17.80
O21 BCN R . 2.23 -8.39 17.56
O22 BCN R . 0.59 -6.99 16.93
C3 BCN R . 2.20 -7.35 20.96
C4 BCN R . 3.69 -7.59 21.22
O4 BCN R . 4.30 -8.25 20.11
C5 BCN R . 0.84 -9.32 21.05
C6 BCN R . 0.58 -10.69 20.41
O6 BCN R . 1.78 -11.21 19.81
CL CL S . 6.13 24.41 -4.32
C1 EDO T . 33.08 23.83 -9.86
O1 EDO T . 33.94 24.31 -8.81
C2 EDO T . 33.15 22.32 -9.93
O2 EDO T . 32.58 21.88 -11.17
C1 EDO U . 23.41 0.76 9.90
O1 EDO U . 24.46 1.59 9.25
C2 EDO U . 23.58 0.43 11.39
O2 EDO U . 22.72 -0.65 11.86
CS CS V . 39.57 17.04 -0.76
CS CS W . 13.03 2.93 4.22
CS CS W . 11.78 3.70 4.90
CS CS W . 11.93 4.42 5.26
C1 EDO X . 25.86 12.18 15.51
O1 EDO X . 26.07 13.58 15.46
C2 EDO X . 25.75 11.65 16.93
O2 EDO X . 26.19 10.29 16.87
C1 EDO Y . 25.48 7.81 16.30
O1 EDO Y . 24.30 8.63 16.36
C2 EDO Y . 25.19 6.34 16.57
O2 EDO Y . 25.15 5.60 15.35
C1 PEG Z . 8.16 -12.37 -15.80
O1 PEG Z . 8.82 -13.55 -16.24
C2 PEG Z . 6.77 -12.33 -16.41
O2 PEG Z . 6.55 -11.04 -16.98
C3 PEG Z . 5.94 -11.17 -18.26
C4 PEG Z . 6.67 -10.25 -19.23
O4 PEG Z . 6.52 -10.76 -20.56
C1 PEG AA . 29.43 24.85 -3.79
O1 PEG AA . 29.26 24.25 -2.50
C2 PEG AA . 30.75 24.69 -4.55
O2 PEG AA . 30.72 25.58 -5.71
C3 PEG AA . 30.34 25.10 -7.04
C4 PEG AA . 31.03 23.74 -7.16
O4 PEG AA . 31.01 23.03 -8.42
C1 PGE BA . 27.67 16.82 -20.71
O1 PGE BA . 28.98 16.41 -21.14
C2 PGE BA . 27.71 17.59 -19.38
O2 PGE BA . 26.51 17.36 -18.63
C3 PGE BA . 25.36 18.04 -19.16
C4 PGE BA . 24.15 17.95 -18.22
O4 PGE BA . 21.96 13.77 -19.16
C6 PGE BA . 23.10 14.62 -19.39
C5 PGE BA . 22.88 16.13 -19.22
O3 PGE BA . 23.61 16.61 -18.08
CL CL CA . 8.86 -14.17 -8.03
C1 EDO DA . 4.81 8.50 -0.82
O1 EDO DA . 4.14 9.78 -0.71
C2 EDO DA . 4.13 7.46 0.07
O2 EDO DA . 3.72 6.29 -0.67
CL CL EA . 36.07 3.58 -3.44
C1 EDO FA . 18.87 16.51 -22.51
O1 EDO FA . 17.54 16.00 -22.29
C2 EDO FA . 19.93 15.45 -22.18
O2 EDO FA . 19.50 14.16 -22.61
CL CL GA . 33.73 1.41 -5.59
CL CL HA . 14.69 -8.18 2.29
#